data_8IOD
#
_entry.id   8IOD
#
_cell.length_a   1.00
_cell.length_b   1.00
_cell.length_c   1.00
_cell.angle_alpha   90.00
_cell.angle_beta   90.00
_cell.angle_gamma   90.00
#
_symmetry.space_group_name_H-M   'P 1'
#
loop_
_entity.id
_entity.type
_entity.pdbx_description
1 polymer 'Guanine nucleotide-binding protein G(i) subunit alpha-1,Guanine nucleotide-binding protein G(s) subunit alpha isoforms short'
2 polymer 'Guanine nucleotide-binding protein G(I)/G(S)/G(T) subunit beta-1,HiBiT'
3 polymer 'Guanine nucleotide-binding protein G(I)/G(S)/G(O) subunit gamma-2'
4 polymer PG-901
5 polymer Nanobody-35
6 polymer 'HA signal peptide,Melanocortin receptor 5,LgBiT subunit'
7 non-polymer 'CALCIUM ION'
#
loop_
_entity_poly.entity_id
_entity_poly.type
_entity_poly.pdbx_seq_one_letter_code
_entity_poly.pdbx_strand_id
1 'polypeptide(L)'
;MGCTLSAEDKAAVERSKMIEKQLQKDKQVYRATHRLLLLGADNSGKSTIVKQMRIYHVNGYSEEECKQYKAVVYSNTIQS
IIAIIRAMGRLKIDFGDSARADDARQLFVLAGAAEEGFMTAELAGVIKRLWKDSGVQACFNRSREYQLNDSAAYYLNDLD
RIAQPNYIPTQQDVLRTRVKTSGIFETKFQVDKVNFHMFDVGAQRDERRKWIQCFNDVTAIIFVVDSSDYNRLQEALNDF
KSIWNNRWLRTISVILFLNKQDLLAEKVLAGKSKIEDYFPEFARYTTPEDATPEPGEDPRVTRAKYFIRDEFLRISTASG
DGRHYCYPHFTCSVDTENARRIFNDCRDIIQRMHLRQYELL
;
A
2 'polypeptide(L)'
;MGSLLQSELDQLRQEAEQLKNQIRDARKACADATLSQITNNIDPVGRIQMRTRRTLRGHLAKIYAMHWGTDSRLLVSASQ
DGKLIIWDSYTTNKVHAIPLRSSWVMTCAYAPSGNYVACGGLDNICSIYNLKTREGNVRVSRELAGHTGYLSCCRFLDDN
QIVTSSGDTTCALWDIETGQQTTTFTGHTGDVMSLSLAPDTRLFVSGACDASAKLWDVREGMCRQTFTGHESDINAICFF
PNGNAFATGSDDATCRLFDLRADQELMTYSHDNIICGITSVSFSKSGRLLLAGYDDFNCNVWDALKADRAGVLAGHDNRV
SCLGVTDDGMAVATGSWDSFLKIWNGSSGGGGSGGGGSSGVSGWRLFKKIS
;
B
3 'polypeptide(L)' MASNNTASIAQARKLVEQLKMEANIDRIKVSKAAADLMAYCEAHAKEDPLLTPVPASENPFREKKFFCAIL G
4 'polypeptide(L)' (ACE)(NLE)DP(4J2)RWK(NH2) L
5 'polypeptide(L)'
;MKYLLPTAAAGLLLLAAQPAMAQVQLQESGGGLVQPGGSLRLSCAASGFTFSNYKMNWVRQAPGKGLEWVSDISQSGASI
SYTGSVKGRFTISRDNAKNTLYLQMNSLKPEDTAVYYCARCPAPFTRDCFDVTSTTYAYRGQGTQVTVSSHHHHHHEPEA
;
N
6 'polypeptide(L)'
;MKTIIALSYIFCLVFANSSFHLHFLDLNLNATEGNLSGPNVKNKSSPCEDMGIAVEVFLTLGVISLLENILVIGAIVKNK
NLHSPMYFFVCSLAVADMLVSMSSAWETITIYLLNNKHLVIADAFVRHIDNVFDSMICISVVASMCSLLAIAVDRYVTIF
YALRYHHIMTARRSGAIIAGIWAFCTGCGIVFILYSESTYVILCLISMFFAMLFLLVSLYIHMFLLARTHVKRIAALPGA
SSARQRTSMQGAVTVTMLLGVFTVCWAPFFLHLTLMLSCPQNLYCSRFMSHFNMYLILIMCNSVMDPLIYAFRSQEMRKT
FKEIICCRGFRIACSFPRRDGSSGGGGSGGGGSSGVFTLEDFVGDWEQTAAYNLDQVLEQGGVSSLLQNLAVSVTPIQRI
VRSGENALKIDIHVIIPYEGLSADQMAQIEEVFKVVYPVDDHHFKVILPYGTLVIDGVTPNMLNYFGRPYEGIAVFDGKK
ITVTGTLWNGNKIIDERLITPDGSMLFRVTINS
;
R
#
loop_
_chem_comp.id
_chem_comp.type
_chem_comp.name
_chem_comp.formula
ACE non-polymer 'ACETYL GROUP' 'C2 H4 O'
CA non-polymer 'CALCIUM ION' 'Ca 2'
NH2 non-polymer 'AMINO GROUP' 'H2 N'
#
# COMPACT_ATOMS: atom_id res chain seq x y z
N LEU A 5 -9.40 -27.53 29.17
CA LEU A 5 -9.14 -28.75 28.42
C LEU A 5 -10.44 -29.49 28.12
N SER A 6 -10.66 -29.80 26.84
CA SER A 6 -11.87 -30.48 26.42
C SER A 6 -11.62 -31.16 25.09
N ALA A 7 -12.53 -32.08 24.74
CA ALA A 7 -12.39 -32.81 23.48
C ALA A 7 -12.75 -31.92 22.29
N GLU A 8 -13.84 -31.15 22.40
CA GLU A 8 -14.22 -30.24 21.32
C GLU A 8 -13.17 -29.16 21.11
N ASP A 9 -12.63 -28.60 22.21
CA ASP A 9 -11.54 -27.63 22.08
C ASP A 9 -10.28 -28.29 21.54
N LYS A 10 -10.07 -29.57 21.87
CA LYS A 10 -8.96 -30.31 21.29
C LYS A 10 -9.08 -30.38 19.78
N ALA A 11 -10.27 -30.74 19.28
CA ALA A 11 -10.47 -30.80 17.83
C ALA A 11 -10.38 -29.42 17.20
N ALA A 12 -10.85 -28.40 17.90
CA ALA A 12 -10.74 -27.03 17.40
C ALA A 12 -9.29 -26.63 17.20
N VAL A 13 -8.45 -26.82 18.22
CA VAL A 13 -7.04 -26.49 18.08
C VAL A 13 -6.39 -27.40 17.05
N GLU A 14 -6.89 -28.63 16.90
CA GLU A 14 -6.31 -29.55 15.92
C GLU A 14 -6.50 -29.05 14.49
N ARG A 15 -7.74 -28.68 14.13
CA ARG A 15 -7.91 -28.25 12.74
C ARG A 15 -7.42 -26.83 12.55
N SER A 16 -7.34 -26.02 13.61
CA SER A 16 -6.66 -24.73 13.49
C SER A 16 -5.18 -24.93 13.20
N LYS A 17 -4.55 -25.92 13.84
CA LYS A 17 -3.16 -26.22 13.55
C LYS A 17 -2.99 -26.70 12.11
N MET A 18 -3.88 -27.57 11.65
CA MET A 18 -3.84 -28.01 10.26
C MET A 18 -3.99 -26.83 9.31
N ILE A 19 -4.91 -25.92 9.62
CA ILE A 19 -5.14 -24.75 8.77
C ILE A 19 -3.91 -23.85 8.74
N GLU A 20 -3.28 -23.62 9.90
CA GLU A 20 -2.09 -22.78 9.89
C GLU A 20 -0.92 -23.44 9.16
N LYS A 21 -0.85 -24.77 9.20
CA LYS A 21 0.13 -25.47 8.38
C LYS A 21 -0.12 -25.22 6.90
N GLN A 22 -1.38 -25.32 6.47
CA GLN A 22 -1.71 -25.03 5.09
C GLN A 22 -1.42 -23.57 4.75
N LEU A 23 -1.67 -22.65 5.68
CA LEU A 23 -1.43 -21.24 5.44
C LEU A 23 0.05 -20.95 5.25
N GLN A 24 0.91 -21.59 6.04
CA GLN A 24 2.35 -21.41 5.83
C GLN A 24 2.78 -22.01 4.48
N LYS A 25 2.22 -23.17 4.13
CA LYS A 25 2.54 -23.75 2.84
C LYS A 25 2.12 -22.84 1.70
N ASP A 26 1.00 -22.14 1.86
CA ASP A 26 0.54 -21.19 0.85
C ASP A 26 1.37 -19.92 0.86
N LYS A 27 1.85 -19.50 2.03
CA LYS A 27 2.69 -18.31 2.12
C LYS A 27 3.98 -18.50 1.35
N GLN A 28 4.56 -19.69 1.43
CA GLN A 28 5.79 -19.95 0.69
C GLN A 28 5.61 -19.73 -0.80
N VAL A 29 4.50 -20.24 -1.37
CA VAL A 29 4.30 -20.12 -2.81
C VAL A 29 3.78 -18.73 -3.20
N TYR A 30 3.09 -18.04 -2.28
CA TYR A 30 2.61 -16.70 -2.58
C TYR A 30 3.75 -15.70 -2.64
N ARG A 31 4.67 -15.75 -1.68
CA ARG A 31 5.72 -14.74 -1.68
C ARG A 31 6.80 -14.98 -2.72
N ALA A 32 6.79 -16.14 -3.37
CA ALA A 32 7.75 -16.46 -4.42
C ALA A 32 7.20 -16.20 -5.82
N THR A 33 6.01 -15.61 -5.93
CA THR A 33 5.42 -15.26 -7.21
C THR A 33 5.31 -13.74 -7.31
N HIS A 34 5.40 -13.23 -8.53
CA HIS A 34 5.44 -11.79 -8.75
C HIS A 34 4.25 -11.37 -9.59
N ARG A 35 3.51 -10.38 -9.11
CA ARG A 35 2.25 -9.98 -9.71
C ARG A 35 2.43 -8.71 -10.53
N LEU A 36 2.00 -8.77 -11.79
CA LEU A 36 2.15 -7.68 -12.75
C LEU A 36 0.79 -7.11 -13.10
N LEU A 37 0.71 -5.78 -13.18
CA LEU A 37 -0.52 -5.13 -13.62
C LEU A 37 -0.35 -4.68 -15.07
N LEU A 38 -1.04 -5.34 -15.99
CA LEU A 38 -0.97 -4.97 -17.40
C LEU A 38 -2.00 -3.90 -17.71
N LEU A 39 -1.55 -2.80 -18.30
CA LEU A 39 -2.40 -1.68 -18.66
C LEU A 39 -2.10 -1.23 -20.09
N GLY A 40 -3.06 -0.53 -20.67
CA GLY A 40 -2.90 -0.07 -22.04
C GLY A 40 -4.15 0.63 -22.50
N ALA A 41 -4.29 0.73 -23.82
CA ALA A 41 -5.44 1.35 -24.45
C ALA A 41 -5.98 0.43 -25.54
N ASP A 42 -7.12 0.81 -26.11
CA ASP A 42 -7.79 -0.05 -27.08
C ASP A 42 -6.93 -0.25 -28.32
N ASN A 43 -6.26 0.79 -28.79
CA ASN A 43 -5.36 0.66 -29.94
C ASN A 43 -3.99 0.11 -29.57
N SER A 44 -3.64 0.10 -28.28
CA SER A 44 -2.38 -0.46 -27.84
C SER A 44 -2.51 -1.97 -27.73
N GLY A 45 -1.63 -2.69 -28.40
CA GLY A 45 -1.79 -4.13 -28.53
C GLY A 45 -1.47 -4.81 -27.21
N LYS A 46 -2.37 -4.71 -26.23
CA LYS A 46 -2.26 -5.50 -25.00
C LYS A 46 -2.57 -6.94 -25.33
N SER A 47 -3.61 -7.18 -26.14
CA SER A 47 -4.01 -8.55 -26.46
C SER A 47 -2.91 -9.29 -27.20
N THR A 48 -2.26 -8.64 -28.16
CA THR A 48 -1.20 -9.29 -28.91
C THR A 48 0.02 -9.52 -28.03
N ILE A 49 0.31 -8.61 -27.11
CA ILE A 49 1.41 -8.81 -26.17
C ILE A 49 1.12 -9.99 -25.26
N VAL A 50 -0.12 -10.10 -24.77
CA VAL A 50 -0.52 -11.23 -23.94
C VAL A 50 -0.41 -12.53 -24.74
N LYS A 51 -0.99 -12.55 -25.93
CA LYS A 51 -0.97 -13.76 -26.76
C LYS A 51 0.21 -13.76 -27.71
N GLN A 52 1.40 -13.47 -27.16
CA GLN A 52 2.66 -13.70 -27.86
C GLN A 52 3.62 -14.37 -26.90
N MET A 53 3.44 -14.11 -25.60
CA MET A 53 4.15 -14.80 -24.54
C MET A 53 3.22 -15.71 -23.73
N ARG A 54 2.04 -16.01 -24.26
CA ARG A 54 1.20 -17.04 -23.68
C ARG A 54 1.85 -18.42 -23.80
N ILE A 55 2.83 -18.57 -24.68
CA ILE A 55 3.55 -19.82 -24.81
C ILE A 55 4.28 -20.18 -23.53
N TYR A 56 4.62 -19.18 -22.71
CA TYR A 56 5.27 -19.41 -21.43
C TYR A 56 4.24 -19.96 -20.46
N HIS A 57 3.94 -21.25 -20.61
CA HIS A 57 2.96 -21.91 -19.75
C HIS A 57 3.20 -23.42 -19.70
N THR A 181 -17.80 -11.82 -19.81
CA THR A 181 -18.43 -11.03 -18.75
C THR A 181 -17.49 -11.00 -17.55
N SER A 182 -16.49 -11.88 -17.57
CA SER A 182 -15.49 -11.92 -16.52
C SER A 182 -14.66 -10.64 -16.50
N GLY A 183 -14.46 -10.07 -15.33
CA GLY A 183 -13.88 -8.76 -15.16
C GLY A 183 -12.38 -8.67 -15.01
N ILE A 184 -11.66 -9.79 -15.14
CA ILE A 184 -10.20 -9.77 -15.11
C ILE A 184 -9.70 -11.07 -15.72
N PHE A 185 -8.59 -10.98 -16.45
CA PHE A 185 -7.94 -12.14 -17.03
C PHE A 185 -6.56 -12.30 -16.43
N GLU A 186 -6.18 -13.53 -16.11
CA GLU A 186 -4.93 -13.81 -15.44
C GLU A 186 -4.09 -14.73 -16.32
N THR A 187 -2.86 -14.30 -16.62
CA THR A 187 -1.91 -15.11 -17.37
C THR A 187 -0.76 -15.44 -16.44
N LYS A 188 -0.59 -16.71 -16.12
CA LYS A 188 0.52 -17.17 -15.30
C LYS A 188 1.61 -17.65 -16.25
N PHE A 189 2.73 -16.94 -16.29
CA PHE A 189 3.85 -17.33 -17.12
C PHE A 189 5.10 -17.47 -16.27
N GLN A 190 6.06 -18.23 -16.78
CA GLN A 190 7.25 -18.62 -16.03
C GLN A 190 8.48 -18.29 -16.85
N VAL A 191 9.30 -17.39 -16.35
CA VAL A 191 10.62 -17.11 -16.92
C VAL A 191 11.64 -17.44 -15.85
N ASP A 192 12.50 -18.42 -16.14
CA ASP A 192 13.52 -18.88 -15.20
C ASP A 192 12.94 -19.15 -13.82
N LYS A 193 11.85 -19.92 -13.81
CA LYS A 193 11.18 -20.44 -12.60
C LYS A 193 10.96 -19.38 -11.54
N VAL A 194 10.51 -18.20 -11.97
CA VAL A 194 10.12 -17.15 -11.04
C VAL A 194 8.60 -17.00 -10.95
N ASN A 195 7.84 -17.52 -11.92
CA ASN A 195 6.38 -17.66 -11.79
C ASN A 195 5.59 -16.36 -11.64
N PHE A 196 5.74 -15.51 -12.65
CA PHE A 196 4.94 -14.30 -12.75
C PHE A 196 3.46 -14.55 -13.03
N HIS A 197 2.62 -13.74 -12.39
CA HIS A 197 1.18 -13.73 -12.60
C HIS A 197 0.81 -12.34 -13.11
N MET A 198 0.49 -12.22 -14.39
CA MET A 198 0.16 -10.95 -15.02
C MET A 198 -1.36 -10.82 -15.15
N PHE A 199 -1.92 -9.76 -14.61
CA PHE A 199 -3.36 -9.64 -14.50
C PHE A 199 -3.88 -8.55 -15.44
N ASP A 200 -4.20 -8.96 -16.66
CA ASP A 200 -4.86 -8.06 -17.60
C ASP A 200 -6.29 -7.80 -17.13
N VAL A 201 -6.81 -6.63 -17.48
CA VAL A 201 -8.14 -6.22 -17.04
C VAL A 201 -9.07 -6.13 -18.25
N GLY A 202 -10.07 -7.01 -18.28
CA GLY A 202 -11.10 -6.95 -19.28
C GLY A 202 -12.46 -6.73 -18.64
N ALA A 203 -13.42 -6.35 -19.47
CA ALA A 203 -14.82 -6.19 -19.07
C ALA A 203 -14.96 -5.34 -17.80
N GLN A 204 -14.36 -4.17 -17.81
CA GLN A 204 -14.55 -3.17 -16.78
C GLN A 204 -15.01 -1.87 -17.42
N ARG A 205 -15.51 -0.96 -16.59
CA ARG A 205 -15.85 0.36 -17.07
C ARG A 205 -14.60 1.14 -17.45
N ASP A 206 -14.80 2.22 -18.21
CA ASP A 206 -13.67 3.02 -18.68
C ASP A 206 -12.91 3.69 -17.53
N GLU A 207 -13.60 3.97 -16.42
CA GLU A 207 -12.93 4.58 -15.27
C GLU A 207 -12.03 3.57 -14.58
N ARG A 208 -10.90 4.06 -14.04
CA ARG A 208 -9.96 3.20 -13.33
C ARG A 208 -9.38 3.84 -12.07
N ARG A 209 -10.02 4.87 -11.53
CA ARG A 209 -9.50 5.51 -10.31
C ARG A 209 -9.65 4.65 -9.07
N LYS A 210 -10.42 3.56 -9.13
CA LYS A 210 -10.77 2.80 -7.94
C LYS A 210 -10.22 1.39 -7.94
N TRP A 211 -10.31 0.67 -9.05
CA TRP A 211 -9.87 -0.72 -9.04
C TRP A 211 -8.39 -0.88 -9.31
N ILE A 212 -7.65 0.22 -9.48
CA ILE A 212 -6.21 0.11 -9.68
C ILE A 212 -5.47 0.12 -8.34
N GLN A 213 -6.12 0.58 -7.27
CA GLN A 213 -5.53 0.53 -5.93
C GLN A 213 -5.32 -0.89 -5.43
N CYS A 214 -5.99 -1.87 -6.04
CA CYS A 214 -5.76 -3.27 -5.67
C CYS A 214 -4.34 -3.71 -6.03
N PHE A 215 -3.63 -2.92 -6.83
CA PHE A 215 -2.30 -3.28 -7.31
C PHE A 215 -1.24 -2.38 -6.68
N ASN A 216 -1.47 -2.04 -5.41
CA ASN A 216 -0.50 -1.33 -4.59
C ASN A 216 0.78 -2.13 -4.36
N ASP A 217 0.72 -3.45 -4.44
CA ASP A 217 1.82 -4.30 -4.01
C ASP A 217 2.37 -5.15 -5.15
N VAL A 218 2.15 -4.74 -6.38
CA VAL A 218 2.63 -5.49 -7.52
C VAL A 218 4.10 -5.18 -7.77
N THR A 219 4.81 -6.13 -8.38
CA THR A 219 6.19 -5.87 -8.74
C THR A 219 6.28 -4.74 -9.77
N ALA A 220 5.44 -4.77 -10.80
CA ALA A 220 5.52 -3.78 -11.84
C ALA A 220 4.16 -3.59 -12.50
N ILE A 221 3.98 -2.39 -13.07
CA ILE A 221 2.87 -2.08 -13.95
C ILE A 221 3.43 -2.05 -15.37
N ILE A 222 2.99 -2.99 -16.19
CA ILE A 222 3.41 -3.06 -17.59
C ILE A 222 2.44 -2.20 -18.40
N PHE A 223 2.92 -1.07 -18.91
CA PHE A 223 2.11 -0.09 -19.61
C PHE A 223 2.41 -0.16 -21.10
N VAL A 224 1.39 -0.47 -21.90
CA VAL A 224 1.54 -0.59 -23.34
C VAL A 224 1.00 0.65 -24.00
N VAL A 225 1.76 1.22 -24.93
CA VAL A 225 1.34 2.43 -25.63
C VAL A 225 1.38 2.13 -27.12
N ASP A 226 0.51 2.80 -27.88
CA ASP A 226 0.58 2.79 -29.35
C ASP A 226 1.02 4.18 -29.78
N SER A 227 2.33 4.38 -29.88
CA SER A 227 2.89 5.67 -30.28
C SER A 227 3.15 5.74 -31.77
N SER A 228 2.13 5.41 -32.56
CA SER A 228 2.19 5.60 -34.01
C SER A 228 0.88 6.15 -34.53
N ASP A 229 0.26 7.06 -33.78
CA ASP A 229 -1.01 7.65 -34.15
C ASP A 229 -0.93 9.17 -34.10
N TYR A 230 -0.23 9.68 -33.10
CA TYR A 230 0.12 11.09 -32.92
C TYR A 230 -1.09 11.92 -32.51
N ASN A 231 -2.29 11.35 -32.59
CA ASN A 231 -3.51 12.06 -32.20
C ASN A 231 -3.83 11.83 -30.73
N ARG A 232 -4.02 10.56 -30.37
CA ARG A 232 -4.36 10.18 -29.01
C ARG A 232 -3.13 9.74 -28.22
N LEU A 233 -1.94 10.02 -28.74
CA LEU A 233 -0.72 9.84 -27.96
C LEU A 233 -0.70 10.76 -26.75
N GLN A 234 -1.36 11.91 -26.84
CA GLN A 234 -1.38 12.82 -25.72
C GLN A 234 -2.07 12.23 -24.50
N GLU A 235 -3.23 11.59 -24.65
CA GLU A 235 -3.84 11.05 -23.44
C GLU A 235 -3.17 9.74 -23.01
N ALA A 236 -2.42 9.10 -23.92
CA ALA A 236 -1.48 8.08 -23.46
C ALA A 236 -0.45 8.69 -22.52
N LEU A 237 0.02 9.89 -22.85
CA LEU A 237 0.96 10.59 -21.97
C LEU A 237 0.31 10.95 -20.64
N ASN A 238 -0.91 11.49 -20.67
CA ASN A 238 -1.58 11.83 -19.42
C ASN A 238 -1.94 10.59 -18.62
N ASP A 239 -2.18 9.46 -19.30
CA ASP A 239 -2.44 8.21 -18.61
C ASP A 239 -1.21 7.73 -17.86
N PHE A 240 -0.05 7.76 -18.52
CA PHE A 240 1.19 7.43 -17.84
C PHE A 240 1.45 8.41 -16.69
N LYS A 241 1.17 9.69 -16.91
CA LYS A 241 1.39 10.69 -15.87
C LYS A 241 0.47 10.44 -14.67
N SER A 242 -0.73 9.92 -14.91
CA SER A 242 -1.65 9.62 -13.83
C SER A 242 -1.21 8.38 -13.08
N ILE A 243 -0.75 7.36 -13.81
CA ILE A 243 -0.27 6.15 -13.14
C ILE A 243 0.95 6.47 -12.30
N TRP A 244 1.87 7.29 -12.84
CA TRP A 244 3.10 7.62 -12.13
C TRP A 244 2.83 8.42 -10.87
N ASN A 245 1.92 9.39 -10.94
CA ASN A 245 1.75 10.38 -9.89
C ASN A 245 0.72 9.98 -8.85
N ASN A 246 0.19 8.76 -8.91
CA ASN A 246 -0.83 8.32 -7.98
C ASN A 246 -0.19 7.69 -6.75
N ARG A 247 -0.69 8.05 -5.57
CA ARG A 247 -0.37 7.25 -4.39
C ARG A 247 -0.98 5.87 -4.58
N TRP A 248 -0.50 4.92 -3.78
CA TRP A 248 -0.70 3.49 -3.96
C TRP A 248 0.05 2.97 -5.18
N LEU A 249 0.70 3.86 -5.93
CA LEU A 249 1.57 3.45 -7.02
C LEU A 249 2.89 4.21 -6.98
N ARG A 250 3.14 4.98 -5.92
CA ARG A 250 4.37 5.78 -5.84
C ARG A 250 5.60 4.89 -5.75
N THR A 251 5.47 3.71 -5.14
CA THR A 251 6.57 2.78 -5.08
C THR A 251 6.58 1.84 -6.26
N ILE A 252 5.54 1.87 -7.08
CA ILE A 252 5.38 0.88 -8.14
C ILE A 252 6.10 1.35 -9.38
N SER A 253 7.01 0.51 -9.87
CA SER A 253 7.73 0.81 -11.08
C SER A 253 6.88 0.42 -12.28
N VAL A 254 6.91 1.29 -13.30
CA VAL A 254 6.13 1.10 -14.50
C VAL A 254 7.09 0.73 -15.61
N ILE A 255 6.98 -0.51 -16.10
CA ILE A 255 7.60 -0.90 -17.35
C ILE A 255 6.75 -0.30 -18.47
N LEU A 256 7.40 0.12 -19.56
CA LEU A 256 6.69 0.59 -20.74
C LEU A 256 7.11 -0.15 -21.99
N PHE A 257 6.11 -0.57 -22.76
CA PHE A 257 6.32 -1.09 -24.10
C PHE A 257 5.65 -0.14 -25.07
N LEU A 258 6.47 0.62 -25.78
CA LEU A 258 6.03 1.44 -26.91
C LEU A 258 5.84 0.47 -28.06
N ASN A 259 4.60 -0.01 -28.22
CA ASN A 259 4.28 -1.09 -29.13
C ASN A 259 4.14 -0.58 -30.56
N LYS A 260 4.19 -1.52 -31.50
CA LYS A 260 3.98 -1.25 -32.92
C LYS A 260 4.99 -0.21 -33.43
N GLN A 261 6.26 -0.59 -33.37
CA GLN A 261 7.33 0.27 -33.88
C GLN A 261 7.38 0.26 -35.40
N ASP A 262 6.99 -0.86 -36.02
CA ASP A 262 6.91 -0.90 -37.47
C ASP A 262 5.87 0.08 -38.02
N LEU A 263 4.76 0.28 -37.31
CA LEU A 263 3.81 1.31 -37.69
C LEU A 263 4.46 2.69 -37.67
N LEU A 264 5.23 3.00 -36.62
CA LEU A 264 5.93 4.28 -36.56
C LEU A 264 6.93 4.42 -37.70
N ALA A 265 7.69 3.36 -37.99
CA ALA A 265 8.67 3.42 -39.06
C ALA A 265 8.02 3.66 -40.41
N GLU A 266 6.93 2.94 -40.70
CA GLU A 266 6.24 3.12 -41.97
C GLU A 266 5.50 4.45 -42.04
N LYS A 267 5.10 5.00 -40.89
CA LYS A 267 4.39 6.27 -40.89
C LYS A 267 5.34 7.44 -41.11
N VAL A 268 6.57 7.34 -40.60
CA VAL A 268 7.54 8.41 -40.83
C VAL A 268 8.29 8.24 -42.15
N LEU A 269 8.42 7.01 -42.65
CA LEU A 269 9.05 6.80 -43.94
C LEU A 269 8.19 7.37 -45.07
N ALA A 270 6.86 7.28 -44.95
CA ALA A 270 5.98 7.79 -45.99
C ALA A 270 5.99 9.32 -46.07
N GLY A 271 6.40 10.00 -45.01
CA GLY A 271 6.53 11.44 -45.04
C GLY A 271 5.26 12.22 -44.76
N LYS A 272 4.19 11.56 -44.37
CA LYS A 272 2.93 12.22 -44.04
C LYS A 272 2.70 12.22 -42.54
N SER A 273 1.82 13.12 -42.09
CA SER A 273 1.42 13.22 -40.69
C SER A 273 2.63 13.49 -39.79
N LYS A 274 3.25 14.65 -40.00
CA LYS A 274 4.45 15.01 -39.26
C LYS A 274 4.16 15.23 -37.78
N ILE A 275 5.10 14.80 -36.93
CA ILE A 275 4.93 14.91 -35.49
C ILE A 275 4.91 16.37 -35.04
N GLU A 276 5.68 17.22 -35.70
CA GLU A 276 5.73 18.63 -35.31
C GLU A 276 4.36 19.29 -35.39
N ASP A 277 3.46 18.73 -36.21
CA ASP A 277 2.08 19.22 -36.21
C ASP A 277 1.42 19.03 -34.86
N TYR A 278 1.65 17.87 -34.23
CA TYR A 278 1.02 17.54 -32.95
C TYR A 278 1.92 17.82 -31.76
N PHE A 279 3.23 17.87 -31.94
CA PHE A 279 4.18 18.20 -30.88
C PHE A 279 5.12 19.29 -31.36
N PRO A 280 4.97 20.54 -30.91
CA PRO A 280 5.77 21.63 -31.47
C PRO A 280 7.23 21.59 -31.08
N GLU A 281 7.61 20.80 -30.07
CA GLU A 281 8.99 20.75 -29.60
C GLU A 281 9.80 19.66 -30.27
N PHE A 282 9.23 18.94 -31.25
CA PHE A 282 10.00 17.95 -31.98
C PHE A 282 10.94 18.59 -32.99
N ALA A 283 10.67 19.83 -33.41
CA ALA A 283 11.58 20.51 -34.33
C ALA A 283 12.91 20.82 -33.66
N ARG A 284 12.87 21.43 -32.48
CA ARG A 284 14.08 21.71 -31.72
C ARG A 284 14.41 20.59 -30.74
N TYR A 285 14.42 19.35 -31.25
CA TYR A 285 14.83 18.18 -30.51
C TYR A 285 15.87 17.44 -31.32
N THR A 286 16.88 16.90 -30.65
CA THR A 286 17.95 16.18 -31.31
C THR A 286 18.06 14.77 -30.73
N THR A 287 18.51 13.84 -31.56
CA THR A 287 18.68 12.46 -31.14
C THR A 287 19.61 12.39 -29.94
N PRO A 288 19.22 11.75 -28.84
CA PRO A 288 20.07 11.74 -27.65
C PRO A 288 21.34 10.93 -27.86
N GLU A 289 22.38 11.31 -27.11
CA GLU A 289 23.67 10.66 -27.26
C GLU A 289 23.62 9.19 -26.86
N ASP A 290 22.89 8.87 -25.79
CA ASP A 290 22.80 7.50 -25.31
C ASP A 290 22.04 6.58 -26.25
N ALA A 291 21.35 7.13 -27.24
CA ALA A 291 20.52 6.33 -28.14
C ALA A 291 21.37 5.29 -28.87
N THR A 292 20.80 4.11 -29.07
CA THR A 292 21.47 2.99 -29.72
C THR A 292 20.59 2.49 -30.86
N PRO A 293 20.62 3.14 -32.01
CA PRO A 293 19.83 2.68 -33.15
C PRO A 293 20.31 1.35 -33.69
N GLU A 294 19.36 0.54 -34.13
CA GLU A 294 19.67 -0.72 -34.78
C GLU A 294 20.28 -0.45 -36.16
N PRO A 295 21.25 -1.25 -36.59
CA PRO A 295 21.93 -0.97 -37.87
C PRO A 295 20.97 -1.02 -39.05
N GLY A 296 21.26 -0.18 -40.05
CA GLY A 296 20.39 -0.07 -41.20
C GLY A 296 19.03 0.50 -40.89
N GLU A 297 19.00 1.57 -40.09
CA GLU A 297 17.75 2.17 -39.63
C GLU A 297 17.83 3.68 -39.82
N ASP A 298 16.77 4.26 -40.37
CA ASP A 298 16.80 5.66 -40.79
C ASP A 298 16.99 6.59 -39.59
N PRO A 299 17.66 7.72 -39.78
CA PRO A 299 17.87 8.64 -38.65
C PRO A 299 16.62 9.38 -38.22
N ARG A 300 15.71 9.70 -39.15
CA ARG A 300 14.50 10.42 -38.78
C ARG A 300 13.56 9.53 -37.96
N VAL A 301 13.48 8.25 -38.33
CA VAL A 301 12.62 7.33 -37.59
C VAL A 301 13.16 7.12 -36.17
N THR A 302 14.47 6.97 -36.01
CA THR A 302 15.01 6.82 -34.66
C THR A 302 14.92 8.12 -33.88
N ARG A 303 15.00 9.27 -34.54
CA ARG A 303 14.81 10.53 -33.85
C ARG A 303 13.40 10.65 -33.31
N ALA A 304 12.40 10.31 -34.15
CA ALA A 304 11.01 10.33 -33.70
C ALA A 304 10.77 9.32 -32.58
N LYS A 305 11.30 8.12 -32.74
CA LYS A 305 11.16 7.07 -31.74
C LYS A 305 11.71 7.52 -30.39
N TYR A 306 12.93 8.04 -30.37
CA TYR A 306 13.52 8.43 -29.11
C TYR A 306 12.90 9.70 -28.55
N PHE A 307 12.36 10.57 -29.40
CA PHE A 307 11.59 11.70 -28.88
C PHE A 307 10.34 11.20 -28.15
N ILE A 308 9.64 10.24 -28.74
CA ILE A 308 8.46 9.67 -28.09
C ILE A 308 8.84 9.03 -26.76
N ARG A 309 9.91 8.22 -26.77
CA ARG A 309 10.37 7.58 -25.55
C ARG A 309 10.75 8.61 -24.50
N ASP A 310 11.44 9.67 -24.90
CA ASP A 310 11.92 10.67 -23.97
C ASP A 310 10.79 11.54 -23.42
N GLU A 311 9.65 11.61 -24.10
CA GLU A 311 8.49 12.28 -23.50
C GLU A 311 8.01 11.55 -22.25
N PHE A 312 7.84 10.23 -22.36
CA PHE A 312 7.45 9.43 -21.21
C PHE A 312 8.54 9.42 -20.15
N LEU A 313 9.81 9.34 -20.57
CA LEU A 313 10.91 9.39 -19.62
C LEU A 313 11.01 10.74 -18.91
N ARG A 314 10.64 11.82 -19.60
CA ARG A 314 10.59 13.13 -18.96
C ARG A 314 9.48 13.18 -17.93
N ILE A 315 8.36 12.52 -18.19
CA ILE A 315 7.32 12.44 -17.18
C ILE A 315 7.79 11.59 -16.00
N SER A 316 8.53 10.51 -16.27
CA SER A 316 8.92 9.59 -15.22
C SER A 316 9.97 10.20 -14.30
N THR A 317 11.02 10.78 -14.87
CA THR A 317 12.10 11.36 -14.06
C THR A 317 11.75 12.78 -13.65
N ALA A 318 10.55 12.98 -13.12
CA ALA A 318 10.12 14.27 -12.62
C ALA A 318 9.43 14.22 -11.27
N SER A 319 9.07 13.03 -10.77
CA SER A 319 8.35 12.90 -9.51
C SER A 319 8.92 11.74 -8.71
N GLY A 320 8.65 11.76 -7.41
CA GLY A 320 9.23 10.80 -6.50
C GLY A 320 10.67 11.13 -6.19
N ASP A 321 11.30 10.23 -5.42
CA ASP A 321 12.73 10.31 -5.14
C ASP A 321 13.26 8.89 -5.09
N GLY A 322 13.72 8.39 -6.24
CA GLY A 322 14.26 7.05 -6.34
C GLY A 322 13.32 5.93 -5.93
N ARG A 323 12.08 6.25 -5.56
CA ARG A 323 11.15 5.22 -5.11
C ARG A 323 10.77 4.29 -6.25
N HIS A 324 10.63 4.81 -7.47
CA HIS A 324 10.29 3.97 -8.61
C HIS A 324 10.84 4.59 -9.88
N TYR A 325 11.06 3.74 -10.88
CA TYR A 325 11.69 4.11 -12.13
C TYR A 325 10.92 3.51 -13.30
N CYS A 326 10.95 4.22 -14.42
CA CYS A 326 10.34 3.75 -15.66
C CYS A 326 11.37 2.99 -16.47
N TYR A 327 10.90 1.95 -17.17
CA TYR A 327 11.77 1.04 -17.89
C TYR A 327 11.26 0.89 -19.32
N PRO A 328 11.49 1.89 -20.17
CA PRO A 328 10.88 1.87 -21.51
C PRO A 328 11.55 0.87 -22.44
N HIS A 329 10.72 0.29 -23.32
CA HIS A 329 11.20 -0.59 -24.38
C HIS A 329 10.51 -0.24 -25.69
N PHE A 330 11.06 -0.74 -26.78
CA PHE A 330 10.47 -0.62 -28.11
C PHE A 330 10.07 -2.01 -28.57
N THR A 331 8.77 -2.25 -28.70
CA THR A 331 8.26 -3.54 -29.12
C THR A 331 7.37 -3.40 -30.34
N CYS A 332 7.40 -4.42 -31.18
CA CYS A 332 6.49 -4.54 -32.32
C CYS A 332 5.39 -5.53 -31.97
N SER A 333 4.55 -5.84 -32.96
CA SER A 333 3.45 -6.77 -32.73
C SER A 333 3.93 -8.22 -32.67
N VAL A 334 4.98 -8.56 -33.42
CA VAL A 334 5.43 -9.94 -33.52
C VAL A 334 6.80 -10.10 -32.86
N ASP A 335 7.07 -9.30 -31.84
CA ASP A 335 8.36 -9.34 -31.16
C ASP A 335 8.38 -10.45 -30.11
N THR A 336 9.31 -11.38 -30.24
CA THR A 336 9.53 -12.41 -29.23
C THR A 336 10.37 -11.82 -28.10
N GLU A 337 10.88 -12.68 -27.22
CA GLU A 337 11.70 -12.29 -26.06
C GLU A 337 11.10 -11.10 -25.31
N ASN A 338 9.77 -11.02 -25.29
CA ASN A 338 9.11 -9.92 -24.61
C ASN A 338 8.95 -10.22 -23.12
N ALA A 339 8.92 -11.50 -22.75
CA ALA A 339 8.77 -11.87 -21.34
C ALA A 339 10.06 -11.64 -20.57
N ARG A 340 11.21 -11.90 -21.21
CA ARG A 340 12.49 -11.62 -20.58
C ARG A 340 12.62 -10.16 -20.19
N ARG A 341 11.91 -9.26 -20.88
CA ARG A 341 11.98 -7.85 -20.52
C ARG A 341 11.30 -7.61 -19.17
N ILE A 342 10.13 -8.19 -18.94
CA ILE A 342 9.52 -8.07 -17.62
C ILE A 342 10.42 -8.75 -16.59
N PHE A 343 11.02 -9.88 -16.95
CA PHE A 343 11.91 -10.59 -16.04
C PHE A 343 13.06 -9.71 -15.59
N ASN A 344 13.79 -9.14 -16.55
CA ASN A 344 14.98 -8.33 -16.25
C ASN A 344 14.62 -7.05 -15.54
N ASP A 345 13.56 -6.37 -15.98
CA ASP A 345 13.22 -5.11 -15.31
C ASP A 345 12.66 -5.34 -13.93
N CYS A 346 12.03 -6.51 -13.69
CA CYS A 346 11.63 -6.86 -12.33
C CYS A 346 12.82 -7.16 -11.44
N ARG A 347 13.83 -7.85 -12.01
CA ARG A 347 15.09 -8.03 -11.29
C ARG A 347 15.71 -6.71 -10.91
N ASP A 348 15.74 -5.75 -11.84
CA ASP A 348 16.28 -4.43 -11.55
C ASP A 348 15.45 -3.69 -10.50
N ILE A 349 14.12 -3.83 -10.55
CA ILE A 349 13.28 -3.16 -9.55
C ILE A 349 13.59 -3.69 -8.16
N ILE A 350 13.69 -5.01 -8.03
CA ILE A 350 13.94 -5.60 -6.72
C ILE A 350 15.35 -5.25 -6.23
N GLN A 351 16.34 -5.31 -7.12
CA GLN A 351 17.70 -4.94 -6.78
C GLN A 351 17.79 -3.49 -6.34
N ARG A 352 17.15 -2.58 -7.07
CA ARG A 352 17.22 -1.17 -6.70
C ARG A 352 16.54 -0.93 -5.36
N MET A 353 15.43 -1.61 -5.09
CA MET A 353 14.76 -1.45 -3.80
C MET A 353 15.66 -1.92 -2.66
N HIS A 354 16.27 -3.09 -2.81
CA HIS A 354 17.18 -3.59 -1.78
C HIS A 354 18.38 -2.67 -1.61
N LEU A 355 19.07 -2.33 -2.69
CA LEU A 355 20.22 -1.44 -2.63
C LEU A 355 19.86 -0.11 -1.96
N ARG A 356 18.63 0.37 -2.15
CA ARG A 356 18.26 1.62 -1.51
C ARG A 356 17.96 1.41 -0.03
N GLN A 357 17.45 0.24 0.37
CA GLN A 357 17.20 0.05 1.79
C GLN A 357 18.48 -0.26 2.57
N TYR A 358 19.49 -0.85 1.93
CA TYR A 358 20.80 -1.02 2.52
C TYR A 358 21.64 0.26 2.49
N GLU A 359 21.03 1.39 2.15
CA GLU A 359 21.71 2.68 2.02
C GLU A 359 22.91 2.59 1.08
N LEU A 360 22.94 1.57 0.23
CA LEU A 360 24.01 1.34 -0.71
C LEU A 360 23.73 1.97 -2.07
N LEU A 361 22.69 2.79 -2.17
CA LEU A 361 22.30 3.44 -3.41
C LEU A 361 21.33 4.57 -3.10
N ASP B 10 -33.56 20.79 -24.23
CA ASP B 10 -33.63 22.06 -23.51
C ASP B 10 -34.82 22.08 -22.56
N GLN B 11 -36.00 21.70 -23.06
CA GLN B 11 -37.19 21.67 -22.22
C GLN B 11 -37.05 20.63 -21.11
N LEU B 12 -36.51 19.46 -21.44
CA LEU B 12 -36.28 18.45 -20.42
C LEU B 12 -35.24 18.90 -19.40
N ARG B 13 -34.17 19.53 -19.88
CA ARG B 13 -33.16 20.07 -18.96
C ARG B 13 -33.74 21.17 -18.08
N GLN B 14 -34.57 22.04 -18.66
CA GLN B 14 -35.22 23.09 -17.88
C GLN B 14 -36.14 22.48 -16.82
N GLU B 15 -36.89 21.45 -17.18
CA GLU B 15 -37.76 20.79 -16.22
C GLU B 15 -36.95 20.15 -15.09
N ALA B 16 -35.84 19.50 -15.43
CA ALA B 16 -34.98 18.90 -14.40
C ALA B 16 -34.41 19.97 -13.48
N GLU B 17 -33.97 21.10 -14.04
CA GLU B 17 -33.43 22.17 -13.21
C GLU B 17 -34.51 22.76 -12.30
N GLN B 18 -35.72 22.93 -12.81
CA GLN B 18 -36.82 23.42 -11.98
C GLN B 18 -37.14 22.46 -10.86
N LEU B 19 -37.15 21.14 -11.16
CA LEU B 19 -37.40 20.16 -10.12
C LEU B 19 -36.31 20.19 -9.05
N LYS B 20 -35.05 20.31 -9.47
CA LYS B 20 -33.95 20.40 -8.51
C LYS B 20 -34.07 21.64 -7.64
N ASN B 21 -34.43 22.77 -8.25
CA ASN B 21 -34.62 24.00 -7.48
C ASN B 21 -35.76 23.85 -6.47
N GLN B 22 -36.86 23.23 -6.89
CA GLN B 22 -37.97 23.01 -5.97
C GLN B 22 -37.56 22.10 -4.81
N ILE B 23 -36.82 21.03 -5.12
CA ILE B 23 -36.37 20.12 -4.07
C ILE B 23 -35.45 20.84 -3.09
N ARG B 24 -34.51 21.63 -3.60
CA ARG B 24 -33.61 22.35 -2.72
C ARG B 24 -34.35 23.37 -1.87
N ASP B 25 -35.31 24.08 -2.46
CA ASP B 25 -36.09 25.04 -1.68
C ASP B 25 -36.89 24.35 -0.58
N ALA B 26 -37.54 23.24 -0.91
CA ALA B 26 -38.31 22.51 0.10
C ALA B 26 -37.41 21.97 1.20
N ARG B 27 -36.24 21.45 0.84
CA ARG B 27 -35.33 20.89 1.82
C ARG B 27 -34.78 21.96 2.75
N LYS B 28 -34.38 23.11 2.20
CA LYS B 28 -33.85 24.18 3.03
C LYS B 28 -34.93 24.91 3.82
N ALA B 29 -36.19 24.86 3.37
CA ALA B 29 -37.27 25.45 4.16
C ALA B 29 -37.45 24.73 5.49
N CYS B 30 -37.36 23.40 5.48
CA CYS B 30 -37.49 22.60 6.70
C CYS B 30 -36.09 22.25 7.19
N ALA B 31 -35.43 23.24 7.79
CA ALA B 31 -34.10 23.06 8.34
C ALA B 31 -33.99 23.71 9.71
N ASP B 32 -35.03 23.54 10.52
CA ASP B 32 -35.06 24.13 11.86
C ASP B 32 -34.07 23.44 12.80
N GLN B 37 -25.74 23.05 15.50
CA GLN B 37 -26.65 22.75 16.61
C GLN B 37 -26.04 23.16 17.94
N ILE B 38 -26.54 24.24 18.52
CA ILE B 38 -26.06 24.72 19.83
C ILE B 38 -26.93 24.01 20.86
N THR B 39 -26.54 22.79 21.21
CA THR B 39 -27.27 21.95 22.15
C THR B 39 -26.28 21.37 23.16
N ASN B 40 -26.28 21.91 24.37
CA ASN B 40 -25.43 21.42 25.45
C ASN B 40 -26.13 20.37 26.30
N ASN B 41 -27.38 20.05 26.00
CA ASN B 41 -28.11 19.07 26.82
C ASN B 41 -27.47 17.69 26.73
N ILE B 42 -27.05 17.28 25.54
CA ILE B 42 -26.44 15.96 25.38
C ILE B 42 -25.02 16.00 25.94
N ASP B 43 -24.69 15.01 26.76
CA ASP B 43 -23.37 14.96 27.38
C ASP B 43 -22.33 14.46 26.38
N PRO B 44 -21.07 14.89 26.52
CA PRO B 44 -20.02 14.34 25.66
C PRO B 44 -19.76 12.87 25.98
N VAL B 45 -19.32 12.14 24.95
CA VAL B 45 -18.95 10.75 25.16
C VAL B 45 -17.70 10.64 26.04
N GLY B 46 -16.79 11.58 25.91
CA GLY B 46 -15.50 11.48 26.57
C GLY B 46 -14.53 10.68 25.73
N ARG B 47 -13.27 10.68 26.15
CA ARG B 47 -12.24 9.94 25.43
C ARG B 47 -12.54 8.46 25.47
N ILE B 48 -12.53 7.82 24.31
CA ILE B 48 -12.81 6.39 24.19
C ILE B 48 -11.50 5.64 24.35
N GLN B 49 -11.46 4.75 25.34
CA GLN B 49 -10.28 3.92 25.57
C GLN B 49 -10.47 2.61 24.81
N MET B 50 -9.63 2.39 23.80
CA MET B 50 -9.76 1.24 22.93
C MET B 50 -8.44 0.48 22.97
N ARG B 51 -8.50 -0.78 23.36
CA ARG B 51 -7.31 -1.61 23.48
C ARG B 51 -7.45 -2.85 22.62
N THR B 52 -6.39 -3.17 21.89
CA THR B 52 -6.36 -4.40 21.11
C THR B 52 -6.34 -5.59 22.07
N ARG B 53 -7.36 -6.44 21.98
CA ARG B 53 -7.37 -7.66 22.78
C ARG B 53 -6.73 -8.83 22.02
N ARG B 54 -7.17 -9.08 20.80
CA ARG B 54 -6.54 -10.07 19.94
C ARG B 54 -6.04 -9.37 18.68
N THR B 55 -5.02 -9.98 18.07
CA THR B 55 -4.53 -9.55 16.76
C THR B 55 -4.46 -10.79 15.90
N LEU B 56 -5.30 -10.84 14.87
CA LEU B 56 -5.48 -12.05 14.08
C LEU B 56 -4.45 -12.07 12.96
N ARG B 57 -3.68 -13.15 12.90
CA ARG B 57 -2.55 -13.24 11.99
C ARG B 57 -2.66 -14.54 11.18
N GLY B 58 -2.18 -14.50 9.95
CA GLY B 58 -2.28 -15.64 9.07
C GLY B 58 -2.56 -15.26 7.63
N HIS B 59 -3.19 -14.12 7.42
CA HIS B 59 -3.37 -13.62 6.07
C HIS B 59 -2.04 -13.14 5.49
N LEU B 60 -1.92 -13.31 4.18
CA LEU B 60 -0.65 -13.15 3.47
C LEU B 60 -0.48 -11.78 2.83
N ALA B 61 -1.57 -11.07 2.56
CA ALA B 61 -1.51 -9.78 1.89
C ALA B 61 -2.53 -8.87 2.55
N LYS B 62 -2.81 -7.74 1.92
CA LYS B 62 -3.71 -6.75 2.51
C LYS B 62 -5.09 -7.34 2.73
N ILE B 63 -5.63 -7.11 3.93
CA ILE B 63 -7.04 -7.41 4.20
C ILE B 63 -7.85 -6.34 3.52
N TYR B 64 -8.79 -6.74 2.66
CA TYR B 64 -9.53 -5.68 2.00
C TYR B 64 -11.02 -5.79 2.28
N ALA B 65 -11.47 -6.93 2.81
CA ALA B 65 -12.85 -7.16 3.18
C ALA B 65 -12.93 -8.08 4.40
N MET B 66 -13.84 -7.75 5.30
CA MET B 66 -14.06 -8.54 6.52
C MET B 66 -15.52 -8.36 6.93
N HIS B 67 -16.20 -9.46 7.24
CA HIS B 67 -17.58 -9.37 7.68
C HIS B 67 -17.72 -10.17 8.97
N TRP B 68 -18.42 -9.60 9.95
CA TRP B 68 -18.65 -10.27 11.22
C TRP B 68 -19.72 -11.35 11.10
N GLY B 69 -19.62 -12.34 11.99
CA GLY B 69 -20.62 -13.37 12.08
C GLY B 69 -21.83 -12.95 12.88
N THR B 70 -22.89 -13.75 12.74
CA THR B 70 -24.14 -13.43 13.44
C THR B 70 -24.06 -13.81 14.92
N ASP B 71 -23.26 -14.81 15.26
CA ASP B 71 -23.07 -15.21 16.64
C ASP B 71 -22.06 -14.34 17.38
N SER B 72 -21.48 -13.34 16.69
CA SER B 72 -20.55 -12.37 17.27
C SER B 72 -19.25 -13.02 17.73
N ARG B 73 -18.99 -14.23 17.29
CA ARG B 73 -17.76 -14.94 17.64
C ARG B 73 -17.00 -15.43 16.43
N LEU B 74 -17.70 -15.86 15.40
CA LEU B 74 -17.10 -16.17 14.11
C LEU B 74 -17.01 -14.91 13.27
N LEU B 75 -16.02 -14.85 12.39
CA LEU B 75 -15.98 -13.76 11.42
C LEU B 75 -15.33 -14.27 10.15
N VAL B 76 -15.64 -13.60 9.05
CA VAL B 76 -15.06 -13.90 7.74
C VAL B 76 -14.19 -12.72 7.33
N SER B 77 -13.03 -13.02 6.78
CA SER B 77 -12.07 -12.00 6.37
C SER B 77 -11.56 -12.34 4.98
N ALA B 78 -11.41 -11.32 4.15
CA ALA B 78 -11.01 -11.51 2.75
C ALA B 78 -9.70 -10.80 2.50
N SER B 79 -8.77 -11.50 1.85
CA SER B 79 -7.46 -10.95 1.58
C SER B 79 -7.03 -11.26 0.15
N GLN B 80 -6.37 -10.25 -0.45
CA GLN B 80 -5.86 -10.22 -1.81
C GLN B 80 -4.82 -11.28 -2.10
N ASP B 81 -4.39 -12.06 -1.11
CA ASP B 81 -3.71 -13.31 -1.43
C ASP B 81 -4.66 -14.31 -2.05
N GLY B 82 -5.95 -14.03 -2.02
CA GLY B 82 -6.98 -14.92 -2.53
C GLY B 82 -7.45 -15.86 -1.44
N LYS B 83 -7.74 -15.32 -0.26
CA LYS B 83 -8.08 -16.17 0.87
C LYS B 83 -9.25 -15.60 1.64
N LEU B 84 -10.24 -16.45 1.91
CA LEU B 84 -11.38 -16.14 2.77
C LEU B 84 -11.22 -16.98 4.03
N ILE B 85 -10.97 -16.34 5.17
CA ILE B 85 -10.69 -17.06 6.40
C ILE B 85 -11.83 -16.84 7.38
N ILE B 86 -12.34 -17.93 7.93
CA ILE B 86 -13.30 -17.91 9.03
C ILE B 86 -12.49 -18.05 10.32
N TRP B 87 -12.55 -17.01 11.15
CA TRP B 87 -11.85 -16.93 12.42
C TRP B 87 -12.82 -17.11 13.56
N ASP B 88 -12.36 -17.76 14.62
CA ASP B 88 -13.03 -17.76 15.92
C ASP B 88 -12.37 -16.67 16.76
N SER B 89 -13.06 -15.54 16.91
CA SER B 89 -12.48 -14.39 17.58
C SER B 89 -12.28 -14.63 19.07
N TYR B 90 -12.86 -15.69 19.62
CA TYR B 90 -12.68 -15.98 21.04
C TYR B 90 -11.32 -16.64 21.29
N THR B 91 -11.06 -17.75 20.61
CA THR B 91 -9.85 -18.53 20.82
C THR B 91 -8.80 -18.30 19.76
N THR B 92 -9.03 -17.37 18.83
CA THR B 92 -8.12 -16.99 17.75
C THR B 92 -7.89 -18.18 16.79
N ASN B 93 -8.55 -19.31 17.02
CA ASN B 93 -8.42 -20.45 16.14
C ASN B 93 -9.01 -20.16 14.77
N LYS B 94 -8.35 -20.66 13.74
CA LYS B 94 -8.80 -20.50 12.36
C LYS B 94 -9.81 -21.60 12.06
N VAL B 95 -11.09 -21.22 11.98
CA VAL B 95 -12.14 -22.19 11.73
C VAL B 95 -12.10 -22.70 10.29
N HIS B 96 -11.94 -21.79 9.33
CA HIS B 96 -11.97 -22.18 7.92
C HIS B 96 -10.99 -21.34 7.12
N ALA B 97 -10.54 -21.92 6.00
CA ALA B 97 -9.65 -21.22 5.06
C ALA B 97 -10.04 -21.63 3.64
N ILE B 98 -10.85 -20.81 3.00
CA ILE B 98 -11.31 -21.07 1.63
C ILE B 98 -10.35 -20.39 0.67
N PRO B 99 -9.76 -21.12 -0.28
CA PRO B 99 -8.99 -20.48 -1.35
C PRO B 99 -9.90 -20.04 -2.49
N LEU B 100 -9.94 -18.75 -2.75
CA LEU B 100 -10.82 -18.18 -3.76
C LEU B 100 -10.30 -18.47 -5.17
N ARG B 101 -11.22 -18.43 -6.13
CA ARG B 101 -10.83 -18.70 -7.51
C ARG B 101 -10.05 -17.52 -8.10
N SER B 102 -10.40 -16.31 -7.71
CA SER B 102 -9.66 -15.11 -8.11
C SER B 102 -9.20 -14.40 -6.85
N SER B 103 -7.97 -13.91 -6.87
CA SER B 103 -7.32 -13.35 -5.69
C SER B 103 -7.67 -11.90 -5.44
N TRP B 104 -8.49 -11.29 -6.30
CA TRP B 104 -8.75 -9.86 -6.23
C TRP B 104 -10.08 -9.59 -5.55
N VAL B 105 -10.40 -10.39 -4.54
CA VAL B 105 -11.63 -10.20 -3.77
C VAL B 105 -11.64 -8.79 -3.18
N MET B 106 -12.81 -8.16 -3.22
CA MET B 106 -12.99 -6.83 -2.68
C MET B 106 -14.08 -6.74 -1.63
N THR B 107 -14.87 -7.80 -1.45
CA THR B 107 -15.94 -7.81 -0.48
C THR B 107 -16.18 -9.25 -0.06
N CYS B 108 -16.77 -9.42 1.12
CA CYS B 108 -17.13 -10.74 1.62
C CYS B 108 -18.42 -10.63 2.42
N ALA B 109 -19.16 -11.74 2.46
CA ALA B 109 -20.44 -11.79 3.14
C ALA B 109 -20.49 -13.02 4.03
N TYR B 110 -21.18 -12.88 5.15
CA TYR B 110 -21.48 -13.98 6.06
C TYR B 110 -22.99 -14.07 6.21
N ALA B 111 -23.57 -15.16 5.72
CA ALA B 111 -25.02 -15.30 5.71
C ALA B 111 -25.55 -15.22 7.14
N PRO B 112 -26.65 -14.50 7.38
CA PRO B 112 -27.10 -14.30 8.76
C PRO B 112 -27.42 -15.59 9.49
N SER B 113 -27.69 -16.67 8.77
CA SER B 113 -27.82 -17.98 9.40
C SER B 113 -26.48 -18.63 9.69
N GLY B 114 -25.39 -18.11 9.12
CA GLY B 114 -24.08 -18.71 9.28
C GLY B 114 -23.81 -19.88 8.37
N ASN B 115 -24.76 -20.24 7.51
CA ASN B 115 -24.57 -21.40 6.64
C ASN B 115 -23.66 -21.10 5.46
N TYR B 116 -23.64 -19.85 4.97
CA TYR B 116 -23.00 -19.52 3.72
C TYR B 116 -22.12 -18.29 3.86
N VAL B 117 -21.04 -18.27 3.06
CA VAL B 117 -20.23 -17.06 2.86
C VAL B 117 -20.22 -16.71 1.38
N ALA B 118 -20.41 -15.45 1.07
CA ALA B 118 -20.30 -14.93 -0.29
C ALA B 118 -19.07 -14.05 -0.40
N CYS B 119 -18.37 -14.14 -1.52
CA CYS B 119 -17.23 -13.28 -1.79
C CYS B 119 -17.18 -12.92 -3.27
N GLY B 120 -16.70 -11.71 -3.57
CA GLY B 120 -16.58 -11.29 -4.95
C GLY B 120 -15.53 -10.20 -5.09
N GLY B 121 -15.03 -10.05 -6.31
CA GLY B 121 -13.99 -9.08 -6.57
C GLY B 121 -13.92 -8.56 -7.98
N LEU B 122 -12.71 -8.46 -8.52
CA LEU B 122 -12.52 -7.96 -9.86
C LEU B 122 -12.95 -8.94 -10.94
N ASP B 123 -13.48 -10.10 -10.58
CA ASP B 123 -13.92 -11.08 -11.56
C ASP B 123 -15.38 -10.92 -11.95
N ASN B 124 -16.06 -9.90 -11.42
CA ASN B 124 -17.40 -9.50 -11.82
C ASN B 124 -18.46 -10.54 -11.43
N ILE B 125 -18.11 -11.51 -10.58
CA ILE B 125 -19.04 -12.55 -10.16
C ILE B 125 -19.03 -12.63 -8.65
N CYS B 126 -20.09 -13.20 -8.09
CA CYS B 126 -20.23 -13.41 -6.66
C CYS B 126 -20.26 -14.90 -6.39
N SER B 127 -19.22 -15.42 -5.73
CA SER B 127 -19.15 -16.84 -5.42
C SER B 127 -19.75 -17.10 -4.05
N ILE B 128 -20.48 -18.22 -3.93
CA ILE B 128 -21.18 -18.61 -2.72
C ILE B 128 -20.58 -19.94 -2.24
N TYR B 129 -20.30 -20.03 -0.94
CA TYR B 129 -19.74 -21.23 -0.33
C TYR B 129 -20.63 -21.66 0.81
N ASN B 130 -20.98 -22.94 0.83
CA ASN B 130 -21.74 -23.53 1.93
C ASN B 130 -20.79 -23.98 3.03
N LEU B 131 -20.91 -23.36 4.20
CA LEU B 131 -20.02 -23.68 5.31
C LEU B 131 -20.32 -25.05 5.90
N LYS B 132 -21.61 -25.37 6.06
CA LYS B 132 -22.04 -26.55 6.81
C LYS B 132 -22.32 -27.69 5.84
N THR B 133 -21.25 -28.36 5.40
CA THR B 133 -21.33 -29.58 4.62
C THR B 133 -20.80 -30.77 5.40
N ARG B 134 -19.55 -30.68 5.88
CA ARG B 134 -18.93 -31.68 6.74
C ARG B 134 -18.89 -33.06 6.09
N GLU B 135 -18.69 -33.10 4.77
CA GLU B 135 -18.41 -34.35 4.07
C GLU B 135 -16.97 -34.37 3.56
N GLY B 136 -16.58 -33.37 2.78
CA GLY B 136 -15.19 -33.15 2.44
C GLY B 136 -14.69 -31.87 3.09
N ASN B 137 -14.67 -30.80 2.32
CA ASN B 137 -14.44 -29.46 2.85
C ASN B 137 -15.44 -28.52 2.20
N VAL B 138 -15.24 -27.21 2.40
CA VAL B 138 -16.13 -26.23 1.80
C VAL B 138 -16.07 -26.33 0.28
N ARG B 139 -17.19 -26.01 -0.37
CA ARG B 139 -17.27 -26.04 -1.82
C ARG B 139 -18.03 -24.81 -2.30
N VAL B 140 -17.88 -24.51 -3.59
CA VAL B 140 -18.59 -23.40 -4.20
C VAL B 140 -19.99 -23.88 -4.58
N SER B 141 -21.01 -23.23 -4.02
CA SER B 141 -22.38 -23.62 -4.33
C SER B 141 -22.91 -22.94 -5.59
N ARG B 142 -22.69 -21.63 -5.74
CA ARG B 142 -23.19 -20.92 -6.89
C ARG B 142 -22.26 -19.76 -7.23
N GLU B 143 -21.97 -19.61 -8.51
CA GLU B 143 -21.15 -18.51 -9.04
C GLU B 143 -22.10 -17.55 -9.77
N LEU B 144 -22.66 -16.61 -9.03
CA LEU B 144 -23.64 -15.69 -9.59
C LEU B 144 -22.95 -14.66 -10.47
N ALA B 145 -23.07 -14.85 -11.79
CA ALA B 145 -22.52 -13.96 -12.80
C ALA B 145 -23.65 -13.13 -13.41
N GLY B 146 -23.27 -11.98 -13.96
CA GLY B 146 -24.25 -11.08 -14.54
C GLY B 146 -23.90 -9.62 -14.39
N HIS B 147 -22.87 -9.33 -13.61
CA HIS B 147 -22.33 -7.98 -13.52
C HIS B 147 -21.25 -7.80 -14.56
N THR B 148 -21.16 -6.59 -15.11
CA THR B 148 -20.12 -6.23 -16.06
C THR B 148 -19.05 -5.34 -15.45
N GLY B 149 -19.14 -5.07 -14.14
CA GLY B 149 -18.10 -4.36 -13.44
C GLY B 149 -17.71 -5.09 -12.16
N TYR B 150 -16.67 -4.59 -11.52
CA TYR B 150 -16.14 -5.24 -10.33
C TYR B 150 -17.13 -5.15 -9.18
N LEU B 151 -17.23 -6.24 -8.41
CA LEU B 151 -18.08 -6.26 -7.23
C LEU B 151 -17.43 -5.50 -6.08
N SER B 152 -18.19 -4.60 -5.47
CA SER B 152 -17.72 -3.82 -4.35
C SER B 152 -18.29 -4.26 -3.01
N CYS B 153 -19.52 -4.76 -2.98
CA CYS B 153 -20.17 -5.12 -1.73
C CYS B 153 -21.29 -6.11 -2.02
N CYS B 154 -21.11 -7.35 -1.60
CA CYS B 154 -22.16 -8.35 -1.60
C CYS B 154 -22.70 -8.52 -0.18
N ARG B 155 -24.00 -8.74 -0.07
CA ARG B 155 -24.65 -8.99 1.21
C ARG B 155 -25.75 -10.02 1.02
N PHE B 156 -26.09 -10.70 2.13
CA PHE B 156 -27.12 -11.72 2.15
C PHE B 156 -28.38 -11.13 2.75
N LEU B 157 -29.49 -11.21 2.02
CA LEU B 157 -30.80 -11.00 2.62
C LEU B 157 -31.21 -12.21 3.44
N ASP B 158 -30.96 -13.40 2.91
CA ASP B 158 -31.24 -14.67 3.55
C ASP B 158 -30.34 -15.72 2.89
N ASP B 159 -30.66 -16.99 3.09
CA ASP B 159 -29.85 -18.05 2.50
C ASP B 159 -30.02 -18.16 0.99
N ASN B 160 -31.01 -17.49 0.40
CA ASN B 160 -31.29 -17.63 -1.03
C ASN B 160 -31.36 -16.31 -1.78
N GLN B 161 -31.05 -15.19 -1.13
CA GLN B 161 -31.05 -13.90 -1.81
C GLN B 161 -29.79 -13.13 -1.43
N ILE B 162 -29.04 -12.67 -2.43
CA ILE B 162 -27.94 -11.74 -2.21
C ILE B 162 -28.21 -10.46 -2.97
N VAL B 163 -27.87 -9.33 -2.35
CA VAL B 163 -27.78 -8.05 -3.02
C VAL B 163 -26.31 -7.79 -3.31
N THR B 164 -26.01 -7.18 -4.45
CA THR B 164 -24.63 -7.10 -4.92
C THR B 164 -24.37 -5.77 -5.62
N SER B 165 -23.40 -5.03 -5.12
CA SER B 165 -22.89 -3.82 -5.74
C SER B 165 -21.87 -4.15 -6.81
N SER B 166 -21.69 -3.23 -7.75
CA SER B 166 -20.81 -3.50 -8.87
C SER B 166 -20.10 -2.23 -9.32
N GLY B 167 -19.03 -2.45 -10.09
CA GLY B 167 -18.33 -1.39 -10.79
C GLY B 167 -18.81 -1.25 -12.21
N ASP B 168 -20.07 -1.63 -12.45
CA ASP B 168 -20.79 -1.28 -13.67
C ASP B 168 -21.98 -0.37 -13.39
N THR B 169 -21.95 0.33 -12.25
CA THR B 169 -22.92 1.33 -11.81
C THR B 169 -24.25 0.75 -11.36
N THR B 170 -24.42 -0.58 -11.39
CA THR B 170 -25.70 -1.20 -11.11
C THR B 170 -25.62 -2.10 -9.88
N CYS B 171 -26.67 -2.04 -9.07
CA CYS B 171 -26.89 -3.04 -8.02
C CYS B 171 -27.81 -4.13 -8.54
N ALA B 172 -27.76 -5.29 -7.89
CA ALA B 172 -28.54 -6.42 -8.38
C ALA B 172 -28.98 -7.31 -7.22
N LEU B 173 -30.27 -7.64 -7.18
CA LEU B 173 -30.81 -8.62 -6.27
C LEU B 173 -30.95 -9.94 -7.00
N TRP B 174 -30.42 -11.01 -6.41
CA TRP B 174 -30.27 -12.30 -7.08
C TRP B 174 -31.09 -13.38 -6.40
N ASP B 175 -30.89 -14.60 -6.88
CA ASP B 175 -31.52 -15.81 -6.34
C ASP B 175 -30.49 -16.93 -6.51
N ILE B 176 -29.85 -17.33 -5.42
CA ILE B 176 -28.73 -18.26 -5.49
C ILE B 176 -29.18 -19.61 -6.06
N GLU B 177 -30.40 -20.04 -5.73
CA GLU B 177 -30.85 -21.36 -6.16
C GLU B 177 -30.93 -21.47 -7.67
N THR B 178 -31.49 -20.46 -8.33
CA THR B 178 -31.66 -20.54 -9.79
C THR B 178 -30.41 -20.10 -10.54
N GLY B 179 -29.61 -19.22 -9.96
CA GLY B 179 -28.40 -18.76 -10.61
C GLY B 179 -28.53 -17.54 -11.47
N GLN B 180 -29.64 -16.81 -11.39
CA GLN B 180 -29.90 -15.67 -12.25
C GLN B 180 -30.40 -14.50 -11.40
N GLN B 181 -30.28 -13.30 -11.98
CA GLN B 181 -30.70 -12.10 -11.29
C GLN B 181 -32.22 -12.08 -11.15
N THR B 182 -32.68 -11.32 -10.16
CA THR B 182 -34.11 -11.12 -9.95
C THR B 182 -34.51 -9.68 -10.14
N THR B 183 -33.74 -8.73 -9.62
CA THR B 183 -34.00 -7.31 -9.80
C THR B 183 -32.69 -6.61 -10.11
N THR B 184 -32.77 -5.52 -10.88
CA THR B 184 -31.61 -4.71 -11.20
C THR B 184 -31.90 -3.25 -10.87
N PHE B 185 -30.92 -2.57 -10.30
CA PHE B 185 -31.04 -1.21 -9.78
C PHE B 185 -30.05 -0.35 -10.53
N THR B 186 -30.56 0.60 -11.33
CA THR B 186 -29.80 1.29 -12.36
C THR B 186 -29.99 2.80 -12.29
N GLY B 187 -29.85 3.37 -11.10
CA GLY B 187 -29.97 4.81 -10.97
C GLY B 187 -28.65 5.55 -10.81
N HIS B 188 -27.57 4.83 -10.54
CA HIS B 188 -26.27 5.45 -10.31
C HIS B 188 -25.52 5.64 -11.61
N THR B 189 -24.76 6.74 -11.69
CA THR B 189 -23.93 7.05 -12.84
C THR B 189 -22.48 6.60 -12.68
N GLY B 190 -21.92 6.69 -11.47
CA GLY B 190 -20.59 6.24 -11.20
C GLY B 190 -20.57 4.83 -10.61
N ASP B 191 -19.36 4.34 -10.35
CA ASP B 191 -19.19 3.01 -9.79
C ASP B 191 -19.73 2.97 -8.36
N VAL B 192 -20.46 1.91 -8.05
CA VAL B 192 -21.00 1.74 -6.71
C VAL B 192 -19.95 1.03 -5.86
N MET B 193 -19.67 1.56 -4.67
CA MET B 193 -18.57 1.04 -3.87
C MET B 193 -18.99 0.33 -2.60
N SER B 194 -20.19 0.57 -2.09
CA SER B 194 -20.62 -0.08 -0.86
C SER B 194 -22.13 0.02 -0.73
N LEU B 195 -22.73 -1.08 -0.27
CA LEU B 195 -24.15 -1.10 0.04
C LEU B 195 -24.38 -1.68 1.43
N SER B 196 -25.38 -1.15 2.12
CA SER B 196 -25.77 -1.58 3.44
C SER B 196 -27.24 -1.96 3.45
N LEU B 197 -27.54 -3.16 3.91
CA LEU B 197 -28.92 -3.61 4.14
C LEU B 197 -29.49 -2.97 5.39
N ALA B 198 -30.72 -2.49 5.29
CA ALA B 198 -31.39 -1.91 6.42
C ALA B 198 -31.73 -3.00 7.44
N PRO B 199 -31.90 -2.62 8.71
CA PRO B 199 -32.30 -3.61 9.73
C PRO B 199 -33.55 -4.38 9.36
N ASP B 200 -34.55 -3.72 8.76
CA ASP B 200 -35.76 -4.43 8.35
C ASP B 200 -35.51 -5.36 7.18
N THR B 201 -34.35 -5.27 6.54
CA THR B 201 -33.88 -6.24 5.55
C THR B 201 -34.78 -6.26 4.31
N ARG B 202 -35.27 -5.09 3.93
CA ARG B 202 -36.10 -4.95 2.74
C ARG B 202 -35.55 -3.94 1.76
N LEU B 203 -34.97 -2.85 2.23
CA LEU B 203 -34.36 -1.84 1.38
C LEU B 203 -32.88 -1.71 1.72
N PHE B 204 -32.06 -1.47 0.70
CA PHE B 204 -30.64 -1.30 0.89
C PHE B 204 -30.18 0.04 0.31
N VAL B 205 -29.08 0.55 0.85
CA VAL B 205 -28.56 1.87 0.47
C VAL B 205 -27.17 1.68 -0.11
N SER B 206 -26.94 2.25 -1.29
CA SER B 206 -25.69 2.07 -2.01
C SER B 206 -25.07 3.43 -2.33
N GLY B 207 -23.75 3.53 -2.18
CA GLY B 207 -23.02 4.77 -2.44
C GLY B 207 -22.07 4.57 -3.61
N ALA B 208 -21.89 5.62 -4.41
CA ALA B 208 -21.20 5.46 -5.69
C ALA B 208 -19.97 6.37 -5.77
N CYS B 209 -19.18 6.16 -6.84
CA CYS B 209 -18.04 7.02 -7.10
C CYS B 209 -18.48 8.46 -7.34
N ASP B 210 -19.55 8.66 -8.10
CA ASP B 210 -20.20 9.96 -8.05
C ASP B 210 -20.71 10.20 -6.63
N ALA B 211 -20.73 11.47 -6.23
CA ALA B 211 -20.96 11.75 -4.82
C ALA B 211 -22.42 11.56 -4.45
N SER B 212 -22.97 10.38 -4.72
CA SER B 212 -24.39 10.13 -4.50
C SER B 212 -24.61 8.77 -3.86
N ALA B 213 -25.62 8.70 -3.00
CA ALA B 213 -26.07 7.47 -2.35
C ALA B 213 -27.57 7.35 -2.49
N LYS B 214 -28.03 6.15 -2.87
CA LYS B 214 -29.43 5.94 -3.19
C LYS B 214 -29.99 4.75 -2.42
N LEU B 215 -31.24 4.87 -1.99
CA LEU B 215 -32.01 3.76 -1.48
C LEU B 215 -32.52 2.89 -2.62
N TRP B 216 -32.88 1.65 -2.26
CA TRP B 216 -33.43 0.72 -3.22
C TRP B 216 -34.33 -0.25 -2.47
N ASP B 217 -35.57 -0.38 -2.94
CA ASP B 217 -36.48 -1.38 -2.41
C ASP B 217 -36.36 -2.63 -3.26
N VAL B 218 -35.98 -3.75 -2.62
CA VAL B 218 -35.73 -4.98 -3.35
C VAL B 218 -37.00 -5.57 -3.95
N ARG B 219 -38.17 -5.11 -3.51
CA ARG B 219 -39.42 -5.62 -4.06
C ARG B 219 -39.70 -5.00 -5.42
N GLU B 220 -39.77 -3.67 -5.49
CA GLU B 220 -39.99 -3.01 -6.77
C GLU B 220 -38.70 -2.92 -7.58
N GLY B 221 -37.69 -2.23 -7.05
CA GLY B 221 -36.41 -2.14 -7.72
C GLY B 221 -36.12 -0.78 -8.31
N MET B 222 -36.57 0.29 -7.64
CA MET B 222 -36.35 1.64 -8.12
C MET B 222 -35.90 2.53 -6.95
N CYS B 223 -35.23 3.62 -7.30
CA CYS B 223 -34.77 4.57 -6.29
C CYS B 223 -35.92 5.11 -5.47
N ARG B 224 -35.70 5.22 -4.17
CA ARG B 224 -36.63 5.92 -3.28
C ARG B 224 -36.17 7.35 -3.01
N GLN B 225 -34.93 7.52 -2.59
CA GLN B 225 -34.33 8.84 -2.40
C GLN B 225 -32.97 8.88 -3.07
N THR B 226 -32.47 10.08 -3.30
CA THR B 226 -31.13 10.33 -3.81
C THR B 226 -30.45 11.31 -2.86
N PHE B 227 -29.20 11.04 -2.52
CA PHE B 227 -28.50 11.75 -1.46
C PHE B 227 -27.17 12.26 -1.99
N THR B 228 -26.96 13.57 -1.87
CA THR B 228 -25.75 14.23 -2.33
C THR B 228 -25.27 15.19 -1.25
N GLY B 229 -24.06 15.71 -1.43
CA GLY B 229 -23.45 16.56 -0.43
C GLY B 229 -21.97 16.32 -0.35
N HIS B 230 -21.51 15.18 -0.87
CA HIS B 230 -20.10 14.88 -0.90
C HIS B 230 -19.44 15.52 -2.12
N GLU B 231 -18.12 15.56 -2.10
CA GLU B 231 -17.34 16.21 -3.14
C GLU B 231 -16.47 15.25 -3.94
N SER B 232 -16.46 13.96 -3.60
CA SER B 232 -15.65 13.00 -4.33
C SER B 232 -16.24 11.61 -4.09
N ASP B 233 -15.44 10.59 -4.41
CA ASP B 233 -15.91 9.21 -4.40
C ASP B 233 -16.40 8.82 -3.01
N ILE B 234 -17.39 7.93 -2.95
CA ILE B 234 -17.88 7.35 -1.71
C ILE B 234 -17.33 5.94 -1.62
N ASN B 235 -16.46 5.69 -0.63
CA ASN B 235 -15.76 4.42 -0.52
C ASN B 235 -16.49 3.40 0.34
N ALA B 236 -17.30 3.85 1.29
CA ALA B 236 -17.90 2.95 2.25
C ALA B 236 -19.22 3.54 2.76
N ILE B 237 -20.15 2.65 3.09
CA ILE B 237 -21.47 3.03 3.57
C ILE B 237 -21.93 1.99 4.58
N CYS B 238 -22.76 2.42 5.52
CA CYS B 238 -23.38 1.51 6.46
C CYS B 238 -24.62 2.17 7.03
N PHE B 239 -25.51 1.35 7.57
CA PHE B 239 -26.73 1.82 8.20
C PHE B 239 -26.51 2.15 9.67
N PHE B 240 -27.16 3.22 10.11
CA PHE B 240 -27.41 3.44 11.52
C PHE B 240 -28.23 2.25 12.05
N PRO B 241 -28.05 1.89 13.33
CA PRO B 241 -28.72 0.69 13.85
C PRO B 241 -30.21 0.62 13.56
N ASN B 242 -30.93 1.74 13.61
CA ASN B 242 -32.30 1.74 13.11
C ASN B 242 -32.31 2.16 11.65
N GLY B 243 -33.25 1.61 10.90
CA GLY B 243 -33.31 1.89 9.47
C GLY B 243 -33.86 3.26 9.17
N ASN B 244 -33.28 4.30 9.77
CA ASN B 244 -33.69 5.66 9.54
C ASN B 244 -32.54 6.59 9.14
N ALA B 245 -31.32 6.08 9.06
CA ALA B 245 -30.17 6.90 8.71
C ALA B 245 -29.06 6.00 8.20
N PHE B 246 -28.04 6.62 7.63
CA PHE B 246 -26.87 5.90 7.18
C PHE B 246 -25.72 6.87 6.98
N ALA B 247 -24.50 6.38 7.20
CA ALA B 247 -23.30 7.21 7.12
C ALA B 247 -22.43 6.76 5.96
N THR B 248 -21.93 7.73 5.21
CA THR B 248 -21.02 7.50 4.09
C THR B 248 -19.65 8.05 4.43
N GLY B 249 -18.61 7.31 4.05
CA GLY B 249 -17.25 7.78 4.13
C GLY B 249 -16.71 8.00 2.73
N SER B 250 -16.32 9.23 2.45
CA SER B 250 -15.99 9.62 1.08
C SER B 250 -14.50 9.91 0.94
N ASP B 251 -14.07 9.94 -0.32
CA ASP B 251 -12.65 10.07 -0.66
C ASP B 251 -12.14 11.50 -0.52
N ASP B 252 -13.00 12.48 -0.26
CA ASP B 252 -12.59 13.84 0.06
C ASP B 252 -12.35 14.04 1.54
N ALA B 253 -12.04 12.97 2.27
CA ALA B 253 -11.66 13.02 3.69
C ALA B 253 -12.81 13.53 4.56
N THR B 254 -13.95 12.85 4.47
CA THR B 254 -15.10 13.25 5.27
C THR B 254 -16.05 12.06 5.45
N CYS B 255 -16.89 12.17 6.46
CA CYS B 255 -18.04 11.30 6.65
C CYS B 255 -19.29 12.17 6.71
N ARG B 256 -20.40 11.62 6.25
CA ARG B 256 -21.67 12.34 6.32
C ARG B 256 -22.79 11.41 6.75
N LEU B 257 -23.77 11.96 7.44
CA LEU B 257 -24.91 11.20 7.94
C LEU B 257 -26.18 11.68 7.26
N PHE B 258 -26.83 10.78 6.52
CA PHE B 258 -28.08 11.07 5.82
C PHE B 258 -29.23 10.41 6.56
N ASP B 259 -30.26 11.19 6.85
CA ASP B 259 -31.50 10.69 7.46
C ASP B 259 -32.61 10.73 6.42
N LEU B 260 -33.36 9.63 6.32
CA LEU B 260 -34.38 9.53 5.28
C LEU B 260 -35.55 10.47 5.53
N ARG B 261 -36.02 10.56 6.78
CA ARG B 261 -37.20 11.37 7.07
C ARG B 261 -36.96 12.83 6.73
N ALA B 262 -35.81 13.38 7.12
CA ALA B 262 -35.45 14.72 6.70
C ALA B 262 -35.04 14.78 5.23
N ASP B 263 -34.53 13.66 4.70
CA ASP B 263 -34.09 13.58 3.31
C ASP B 263 -33.05 14.65 2.98
N GLN B 264 -32.19 14.94 3.95
CA GLN B 264 -31.17 15.98 3.79
C GLN B 264 -29.96 15.62 4.63
N GLU B 265 -29.09 16.60 4.83
CA GLU B 265 -27.90 16.40 5.64
C GLU B 265 -28.19 16.72 7.11
N LEU B 266 -27.55 15.99 8.00
CA LEU B 266 -27.61 16.30 9.44
C LEU B 266 -26.23 16.62 10.00
N MET B 267 -25.24 15.74 9.81
CA MET B 267 -23.96 15.91 10.47
C MET B 267 -22.84 15.43 9.54
N THR B 268 -21.78 16.24 9.46
CA THR B 268 -20.60 15.93 8.67
C THR B 268 -19.38 15.88 9.59
N TYR B 269 -18.56 14.85 9.41
CA TYR B 269 -17.47 14.52 10.32
C TYR B 269 -16.16 14.66 9.56
N SER B 270 -15.38 15.67 9.93
CA SER B 270 -14.07 15.88 9.31
C SER B 270 -13.25 16.82 10.17
N HIS B 271 -11.94 16.83 9.92
CA HIS B 271 -10.99 17.64 10.66
C HIS B 271 -10.02 18.29 9.69
N ASP B 272 -9.49 19.46 10.08
CA ASP B 272 -8.46 20.09 9.27
C ASP B 272 -7.20 19.23 9.22
N ASN B 273 -6.92 18.49 10.30
CA ASN B 273 -5.79 17.58 10.30
C ASN B 273 -5.98 16.46 9.28
N ILE B 274 -7.17 15.87 9.21
CA ILE B 274 -7.39 14.73 8.34
C ILE B 274 -7.47 15.19 6.89
N ILE B 275 -6.69 14.55 6.02
CA ILE B 275 -6.51 15.00 4.66
C ILE B 275 -6.74 13.82 3.71
N CYS B 276 -6.75 12.62 4.27
CA CYS B 276 -6.89 11.39 3.50
C CYS B 276 -8.34 10.89 3.55
N GLY B 277 -8.70 10.12 2.52
CA GLY B 277 -10.06 9.60 2.41
C GLY B 277 -10.35 8.50 3.43
N ILE B 278 -11.63 8.15 3.48
CA ILE B 278 -12.15 7.21 4.47
C ILE B 278 -12.51 5.92 3.76
N THR B 279 -11.93 4.81 4.21
CA THR B 279 -12.01 3.54 3.51
C THR B 279 -13.12 2.63 4.04
N SER B 280 -13.53 2.81 5.29
CA SER B 280 -14.56 1.97 5.90
C SER B 280 -15.32 2.78 6.92
N VAL B 281 -16.60 2.46 7.09
CA VAL B 281 -17.45 3.10 8.07
C VAL B 281 -18.29 2.01 8.73
N SER B 282 -18.44 2.10 10.05
CA SER B 282 -19.27 1.14 10.78
C SER B 282 -19.88 1.86 11.97
N PHE B 283 -20.91 1.24 12.54
CA PHE B 283 -21.62 1.81 13.68
C PHE B 283 -21.61 0.83 14.83
N SER B 284 -21.41 1.35 16.04
CA SER B 284 -21.53 0.54 17.24
C SER B 284 -23.00 0.19 17.46
N LYS B 285 -23.23 -0.72 18.42
CA LYS B 285 -24.59 -1.22 18.65
C LYS B 285 -25.54 -0.09 19.03
N SER B 286 -25.08 0.84 19.87
CA SER B 286 -25.95 1.94 20.30
C SER B 286 -26.08 3.03 19.25
N GLY B 287 -25.20 3.05 18.25
CA GLY B 287 -25.20 4.11 17.27
C GLY B 287 -24.53 5.39 17.72
N ARG B 288 -23.84 5.39 18.86
CA ARG B 288 -23.17 6.59 19.34
C ARG B 288 -21.73 6.66 18.89
N LEU B 289 -21.16 5.54 18.44
CA LEU B 289 -19.75 5.49 18.03
C LEU B 289 -19.69 5.16 16.55
N LEU B 290 -19.33 6.14 15.74
CA LEU B 290 -19.13 5.93 14.31
C LEU B 290 -17.66 5.59 14.09
N LEU B 291 -17.38 4.37 13.69
CA LEU B 291 -16.01 3.93 13.51
C LEU B 291 -15.63 4.02 12.04
N ALA B 292 -14.57 4.74 11.72
CA ALA B 292 -14.16 4.97 10.34
C ALA B 292 -12.69 4.66 10.18
N GLY B 293 -12.36 3.76 9.25
CA GLY B 293 -10.97 3.53 8.90
C GLY B 293 -10.52 4.56 7.88
N TYR B 294 -9.27 4.98 7.99
CA TYR B 294 -8.73 6.03 7.14
C TYR B 294 -7.53 5.54 6.35
N ASP B 295 -7.18 6.32 5.33
CA ASP B 295 -6.02 6.04 4.50
C ASP B 295 -4.71 6.26 5.23
N ASP B 296 -4.68 7.15 6.21
CA ASP B 296 -3.48 7.46 6.99
C ASP B 296 -3.36 6.44 8.12
N PHE B 297 -3.61 5.17 7.84
CA PHE B 297 -3.23 3.98 8.59
C PHE B 297 -3.85 3.71 9.96
N ASN B 298 -4.69 4.60 10.50
CA ASN B 298 -5.29 4.32 11.80
C ASN B 298 -6.79 4.57 11.75
N CYS B 299 -7.54 3.78 12.51
CA CYS B 299 -8.98 3.98 12.63
C CYS B 299 -9.26 5.17 13.53
N ASN B 300 -10.44 5.75 13.37
CA ASN B 300 -10.88 6.82 14.25
C ASN B 300 -12.32 6.55 14.65
N VAL B 301 -12.61 6.66 15.95
CA VAL B 301 -13.97 6.54 16.45
C VAL B 301 -14.47 7.95 16.73
N TRP B 302 -15.61 8.29 16.13
CA TRP B 302 -16.25 9.58 16.26
C TRP B 302 -17.49 9.44 17.13
N ASP B 303 -17.84 10.52 17.81
CA ASP B 303 -19.10 10.57 18.55
C ASP B 303 -20.19 11.06 17.62
N ALA B 304 -21.21 10.22 17.39
CA ALA B 304 -22.21 10.52 16.39
C ALA B 304 -23.04 11.74 16.76
N LEU B 305 -23.40 11.88 18.03
CA LEU B 305 -24.32 12.94 18.43
C LEU B 305 -23.64 14.30 18.44
N LYS B 306 -22.63 14.47 19.30
CA LYS B 306 -22.02 15.78 19.50
C LYS B 306 -21.10 16.21 18.37
N ALA B 307 -20.78 15.30 17.44
CA ALA B 307 -19.95 15.62 16.27
C ALA B 307 -18.58 16.17 16.70
N ASP B 308 -17.83 15.32 17.40
CA ASP B 308 -16.48 15.65 17.81
C ASP B 308 -15.62 14.38 17.73
N ARG B 309 -14.33 14.56 18.00
CA ARG B 309 -13.44 13.41 18.15
C ARG B 309 -13.83 12.60 19.38
N ALA B 310 -13.63 11.29 19.29
CA ALA B 310 -13.87 10.42 20.45
C ALA B 310 -12.71 9.49 20.73
N GLY B 311 -11.95 9.09 19.72
CA GLY B 311 -10.78 8.28 19.99
C GLY B 311 -10.12 7.80 18.71
N VAL B 312 -8.97 7.15 18.89
CA VAL B 312 -8.13 6.68 17.81
C VAL B 312 -7.87 5.19 18.02
N LEU B 313 -7.65 4.47 16.91
CA LEU B 313 -7.25 3.08 16.92
C LEU B 313 -5.98 3.00 16.08
N ALA B 314 -4.84 3.21 16.74
CA ALA B 314 -3.54 3.11 16.12
C ALA B 314 -2.95 1.73 16.39
N GLY B 315 -2.12 1.27 15.47
CA GLY B 315 -1.53 -0.05 15.60
C GLY B 315 -1.41 -0.74 14.26
N HIS B 316 -1.98 -0.14 13.24
CA HIS B 316 -1.95 -0.70 11.89
C HIS B 316 -0.88 0.00 11.07
N ASP B 317 0.04 -0.78 10.52
CA ASP B 317 1.19 -0.23 9.80
C ASP B 317 0.81 0.31 8.43
N ASN B 318 -0.34 -0.06 7.91
CA ASN B 318 -0.75 0.32 6.56
C ASN B 318 -2.18 0.81 6.56
N ARG B 319 -2.76 1.01 5.37
CA ARG B 319 -4.09 1.57 5.27
C ARG B 319 -5.14 0.64 5.88
N VAL B 320 -6.09 1.23 6.60
CA VAL B 320 -7.16 0.46 7.23
C VAL B 320 -8.30 0.28 6.24
N SER B 321 -8.53 -0.97 5.83
CA SER B 321 -9.57 -1.32 4.88
C SER B 321 -10.85 -1.80 5.53
N CYS B 322 -10.78 -2.57 6.60
CA CYS B 322 -11.90 -3.29 7.16
C CYS B 322 -12.26 -2.71 8.52
N LEU B 323 -13.55 -2.63 8.80
CA LEU B 323 -13.96 -2.15 10.13
C LEU B 323 -15.38 -2.64 10.41
N GLY B 324 -15.50 -3.67 11.23
CA GLY B 324 -16.79 -4.25 11.57
C GLY B 324 -17.02 -4.45 13.05
N VAL B 325 -18.09 -3.86 13.57
CA VAL B 325 -18.56 -4.11 14.94
C VAL B 325 -19.34 -5.41 14.96
N THR B 326 -19.39 -6.06 16.13
CA THR B 326 -20.16 -7.28 16.29
C THR B 326 -21.65 -7.00 16.38
N ASP B 327 -22.45 -8.07 16.26
CA ASP B 327 -23.89 -7.94 16.44
C ASP B 327 -24.25 -7.52 17.86
N ASP B 328 -23.59 -8.11 18.86
CA ASP B 328 -23.83 -7.74 20.25
C ASP B 328 -22.99 -6.56 20.70
N GLY B 329 -22.05 -6.10 19.87
CA GLY B 329 -21.30 -4.92 20.17
C GLY B 329 -20.07 -5.13 21.03
N MET B 330 -19.64 -6.37 21.24
CA MET B 330 -18.54 -6.62 22.18
C MET B 330 -17.20 -6.29 21.54
N ALA B 331 -16.98 -6.74 20.30
CA ALA B 331 -15.69 -6.60 19.65
C ALA B 331 -15.78 -5.63 18.48
N VAL B 332 -14.61 -5.18 18.02
CA VAL B 332 -14.48 -4.38 16.82
C VAL B 332 -13.29 -4.92 16.05
N ALA B 333 -13.54 -5.74 15.04
CA ALA B 333 -12.43 -6.17 14.20
C ALA B 333 -11.96 -5.02 13.34
N THR B 334 -10.77 -5.17 12.79
CA THR B 334 -10.19 -4.13 11.93
C THR B 334 -9.13 -4.78 11.07
N GLY B 335 -9.37 -4.87 9.78
CA GLY B 335 -8.35 -5.30 8.87
C GLY B 335 -7.62 -4.13 8.27
N SER B 336 -6.48 -4.41 7.66
CA SER B 336 -5.67 -3.35 7.10
C SER B 336 -4.74 -3.96 6.06
N TRP B 337 -4.06 -3.09 5.31
CA TRP B 337 -3.09 -3.55 4.33
C TRP B 337 -1.82 -4.09 4.97
N ASP B 338 -1.68 -3.97 6.28
CA ASP B 338 -0.60 -4.60 7.03
C ASP B 338 -0.75 -6.11 7.11
N SER B 339 -1.86 -6.66 6.60
CA SER B 339 -2.17 -8.09 6.55
C SER B 339 -2.60 -8.66 7.88
N PHE B 340 -3.02 -7.81 8.82
CA PHE B 340 -3.40 -8.26 10.15
C PHE B 340 -4.79 -7.76 10.48
N LEU B 341 -5.59 -8.63 11.10
CA LEU B 341 -6.85 -8.23 11.72
C LEU B 341 -6.62 -8.02 13.20
N LYS B 342 -7.30 -7.02 13.76
CA LYS B 342 -7.15 -6.65 15.16
C LYS B 342 -8.52 -6.60 15.80
N ILE B 343 -8.74 -7.44 16.80
CA ILE B 343 -9.95 -7.34 17.61
C ILE B 343 -9.68 -6.33 18.71
N TRP B 344 -10.59 -5.38 18.87
CA TRP B 344 -10.42 -4.33 19.86
C TRP B 344 -11.52 -4.45 20.90
N ASN B 345 -11.35 -3.74 22.02
CA ASN B 345 -12.38 -3.73 23.05
C ASN B 345 -12.15 -2.55 23.98
N GLY B 346 -13.15 -2.30 24.83
CA GLY B 346 -13.05 -1.28 25.85
C GLY B 346 -12.68 -1.88 27.19
N SER B 347 -11.78 -1.22 27.89
CA SER B 347 -11.28 -1.71 29.17
C SER B 347 -12.22 -1.37 30.31
N GLN C 11 -32.57 8.61 -21.89
CA GLN C 11 -32.28 8.68 -20.46
C GLN C 11 -32.92 9.91 -19.83
N ALA C 12 -33.15 10.93 -20.65
CA ALA C 12 -33.71 12.18 -20.14
C ALA C 12 -35.10 11.97 -19.54
N ARG C 13 -35.96 11.23 -20.23
CA ARG C 13 -37.30 10.99 -19.72
C ARG C 13 -37.27 10.18 -18.44
N LYS C 14 -36.40 9.16 -18.37
CA LYS C 14 -36.29 8.36 -17.15
C LYS C 14 -35.79 9.21 -15.99
N LEU C 15 -34.80 10.08 -16.25
CA LEU C 15 -34.32 10.97 -15.21
C LEU C 15 -35.42 11.91 -14.73
N VAL C 16 -36.21 12.45 -15.67
CA VAL C 16 -37.29 13.36 -15.31
C VAL C 16 -38.33 12.66 -14.45
N GLU C 17 -38.73 11.45 -14.85
CA GLU C 17 -39.76 10.75 -14.07
C GLU C 17 -39.25 10.34 -12.70
N GLN C 18 -37.99 9.91 -12.62
CA GLN C 18 -37.41 9.60 -11.30
C GLN C 18 -37.37 10.84 -10.43
N LEU C 19 -36.97 11.98 -11.00
CA LEU C 19 -36.91 13.22 -10.22
C LEU C 19 -38.30 13.67 -9.79
N LYS C 20 -39.30 13.45 -10.64
CA LYS C 20 -40.65 13.91 -10.30
C LYS C 20 -41.31 13.02 -9.26
N MET C 21 -41.00 11.73 -9.23
CA MET C 21 -41.45 10.93 -8.10
C MET C 21 -40.51 11.02 -6.90
N GLU C 22 -39.38 11.70 -7.04
CA GLU C 22 -38.53 12.00 -5.90
C GLU C 22 -38.96 13.28 -5.19
N ALA C 23 -39.36 14.30 -5.95
CA ALA C 23 -39.70 15.60 -5.35
C ALA C 23 -40.95 15.50 -4.48
N ASN C 24 -41.95 14.74 -4.92
CA ASN C 24 -43.23 14.70 -4.23
C ASN C 24 -43.18 13.97 -2.89
N ILE C 25 -42.05 13.33 -2.56
CA ILE C 25 -41.93 12.59 -1.30
C ILE C 25 -42.08 13.56 -0.13
N ASP C 26 -42.92 13.18 0.84
CA ASP C 26 -43.08 13.99 2.04
C ASP C 26 -41.80 13.99 2.85
N ARG C 27 -41.49 15.13 3.45
CA ARG C 27 -40.26 15.31 4.20
C ARG C 27 -40.57 15.79 5.62
N ILE C 28 -40.06 15.07 6.60
CA ILE C 28 -40.25 15.43 8.00
C ILE C 28 -39.16 16.43 8.39
N LYS C 29 -39.43 17.21 9.43
CA LYS C 29 -38.53 18.28 9.84
C LYS C 29 -37.17 17.72 10.26
N VAL C 30 -36.13 18.53 10.03
CA VAL C 30 -34.77 18.15 10.41
C VAL C 30 -34.67 17.98 11.93
N SER C 31 -35.35 18.84 12.68
CA SER C 31 -35.35 18.71 14.13
C SER C 31 -35.95 17.38 14.56
N LYS C 32 -36.95 16.89 13.83
CA LYS C 32 -37.55 15.60 14.15
C LYS C 32 -36.54 14.46 13.96
N ALA C 33 -35.77 14.50 12.87
CA ALA C 33 -34.75 13.48 12.65
C ALA C 33 -33.65 13.56 13.69
N ALA C 34 -33.25 14.78 14.06
CA ALA C 34 -32.26 14.94 15.12
C ALA C 34 -32.77 14.37 16.44
N ALA C 35 -34.04 14.64 16.77
CA ALA C 35 -34.63 14.09 17.98
C ALA C 35 -34.69 12.56 17.93
N ASP C 36 -35.01 12.01 16.76
CA ASP C 36 -35.03 10.55 16.61
C ASP C 36 -33.65 9.95 16.88
N LEU C 37 -32.61 10.53 16.27
CA LEU C 37 -31.26 10.02 16.49
C LEU C 37 -30.84 10.17 17.94
N MET C 38 -31.14 11.32 18.55
CA MET C 38 -30.80 11.54 19.95
C MET C 38 -31.51 10.54 20.86
N ALA C 39 -32.80 10.29 20.60
CA ALA C 39 -33.55 9.35 21.42
C ALA C 39 -33.01 7.93 21.28
N TYR C 40 -32.70 7.52 20.05
CA TYR C 40 -32.21 6.16 19.87
C TYR C 40 -30.78 6.00 20.39
N CYS C 41 -30.01 7.10 20.45
CA CYS C 41 -28.69 7.02 21.06
C CYS C 41 -28.79 6.97 22.58
N GLU C 42 -29.71 7.76 23.16
CA GLU C 42 -29.88 7.74 24.61
C GLU C 42 -30.39 6.38 25.08
N ALA C 43 -31.43 5.86 24.44
CA ALA C 43 -31.82 4.47 24.65
C ALA C 43 -30.78 3.56 24.01
N HIS C 44 -30.82 2.28 24.38
CA HIS C 44 -29.92 1.26 23.85
C HIS C 44 -28.45 1.59 24.13
N ALA C 45 -28.19 2.56 25.01
CA ALA C 45 -26.83 3.06 25.22
C ALA C 45 -26.07 2.21 26.23
N LYS C 46 -26.68 1.99 27.41
CA LYS C 46 -26.01 1.24 28.47
C LYS C 46 -25.68 -0.18 28.07
N GLU C 47 -26.34 -0.70 27.04
CA GLU C 47 -26.06 -2.05 26.55
C GLU C 47 -24.86 -2.09 25.61
N ASP C 48 -24.41 -0.94 25.09
CA ASP C 48 -23.29 -0.91 24.16
C ASP C 48 -22.00 -1.22 24.89
N PRO C 49 -21.29 -2.30 24.54
CA PRO C 49 -20.09 -2.67 25.28
C PRO C 49 -18.89 -1.75 25.05
N LEU C 50 -18.93 -0.89 24.04
CA LEU C 50 -17.77 -0.01 23.81
C LEU C 50 -17.98 1.39 24.36
N LEU C 51 -19.21 1.91 24.32
CA LEU C 51 -19.46 3.18 24.99
C LEU C 51 -19.28 3.04 26.50
N THR C 52 -19.77 1.94 27.06
CA THR C 52 -19.53 1.58 28.46
C THR C 52 -18.85 0.22 28.49
N PRO C 53 -17.54 0.15 28.72
CA PRO C 53 -16.85 -1.15 28.76
C PRO C 53 -17.41 -2.04 29.86
N VAL C 54 -17.46 -3.34 29.58
CA VAL C 54 -18.03 -4.32 30.49
C VAL C 54 -16.91 -4.91 31.35
N PRO C 55 -17.21 -5.42 32.54
CA PRO C 55 -16.17 -6.07 33.35
C PRO C 55 -15.58 -7.27 32.63
N ALA C 56 -14.29 -7.50 32.88
CA ALA C 56 -13.55 -8.52 32.16
C ALA C 56 -14.08 -9.93 32.41
N SER C 57 -14.87 -10.14 33.45
CA SER C 57 -15.43 -11.47 33.70
C SER C 57 -16.38 -11.88 32.58
N GLU C 58 -17.20 -10.96 32.09
CA GLU C 58 -18.15 -11.23 31.01
C GLU C 58 -17.67 -10.68 29.67
N ASN C 59 -16.36 -10.47 29.52
CA ASN C 59 -15.81 -9.94 28.28
C ASN C 59 -14.91 -10.99 27.65
N PRO C 60 -15.40 -11.77 26.68
CA PRO C 60 -14.56 -12.82 26.08
C PRO C 60 -13.24 -12.31 25.49
N PHE C 61 -13.08 -11.01 25.30
CA PHE C 61 -11.84 -10.44 24.76
C PHE C 61 -11.12 -9.72 25.89
N ARG C 62 -10.09 -10.35 26.43
CA ARG C 62 -9.34 -9.81 27.56
C ARG C 62 -7.91 -9.51 27.20
C ACE D 1 44.89 -15.70 36.16
O ACE D 1 44.66 -16.27 35.12
CH3 ACE D 1 45.15 -16.50 37.40
N NLE D 2 44.95 -14.38 36.28
CA NLE D 2 43.81 -13.51 35.99
C NLE D 2 44.27 -12.24 35.29
O NLE D 2 44.29 -11.15 35.88
CB NLE D 2 43.07 -13.17 37.29
CG NLE D 2 41.64 -12.72 37.09
CD NLE D 2 40.82 -13.74 36.32
CE NLE D 2 39.41 -13.26 36.04
N ASP D 3 44.64 -12.39 34.02
CA ASP D 3 45.04 -11.26 33.21
C ASP D 3 43.95 -10.86 32.24
N PRO D 4 43.96 -9.60 31.79
CA PRO D 4 42.93 -9.09 30.87
C PRO D 4 42.89 -9.81 29.53
N 4J2 D 5 41.69 -10.06 29.02
CA 4J2 D 5 41.50 -10.84 27.81
CB 4J2 D 5 40.04 -11.22 27.53
CG 4J2 D 5 39.85 -11.99 26.26
CD1 4J2 D 5 39.84 -13.40 26.30
CD2 4J2 D 5 39.70 -11.36 25.04
CE1 4J2 D 5 39.69 -14.16 25.17
CZ1 4J2 D 5 39.53 -13.53 23.91
CZ2 4J2 D 5 39.36 -14.28 22.71
CZ3 4J2 D 5 39.21 -13.65 21.50
CE2 4J2 D 5 39.53 -12.11 23.85
CE3 4J2 D 5 39.37 -11.49 22.59
CE4 4J2 D 5 39.21 -12.23 21.44
C 4J2 D 5 42.36 -12.14 27.82
O 4J2 D 5 42.51 -12.75 28.90
N ARG D 6 42.90 -12.55 26.68
CA ARG D 6 43.78 -13.70 26.63
C ARG D 6 44.87 -13.53 25.60
N TRP D 7 45.85 -14.42 25.66
CA TRP D 7 47.00 -14.41 24.77
C TRP D 7 47.71 -13.06 24.82
N LYS D 8 47.88 -12.53 26.03
CA LYS D 8 48.49 -11.22 26.22
C LYS D 8 50.02 -11.29 26.18
N NH2 D 9 50.32 -10.03 26.11
N VAL E 24 -22.87 18.86 -6.73
CA VAL E 24 -21.72 19.23 -7.55
C VAL E 24 -22.15 19.43 -9.00
N GLN E 25 -21.93 20.64 -9.50
CA GLN E 25 -22.30 20.98 -10.87
C GLN E 25 -21.34 22.04 -11.40
N LEU E 26 -20.72 21.75 -12.55
CA LEU E 26 -19.79 22.67 -13.19
C LEU E 26 -20.45 23.25 -14.43
N GLN E 27 -20.61 24.56 -14.46
CA GLN E 27 -21.27 25.25 -15.56
C GLN E 27 -20.24 26.02 -16.37
N GLU E 28 -20.13 25.68 -17.65
CA GLU E 28 -19.20 26.34 -18.55
C GLU E 28 -19.93 27.43 -19.33
N SER E 29 -19.37 28.63 -19.32
CA SER E 29 -19.93 29.77 -20.03
C SER E 29 -19.20 30.00 -21.35
N GLY E 30 -19.65 31.01 -22.09
CA GLY E 30 -19.07 31.34 -23.37
C GLY E 30 -19.47 30.35 -24.45
N GLY E 31 -18.73 30.42 -25.56
CA GLY E 31 -18.98 29.56 -26.70
C GLY E 31 -19.75 30.27 -27.79
N GLY E 32 -19.56 29.80 -29.02
CA GLY E 32 -20.20 30.39 -30.17
C GLY E 32 -19.41 30.12 -31.43
N LEU E 33 -19.82 30.79 -32.50
CA LEU E 33 -19.19 30.67 -33.81
C LEU E 33 -18.37 31.92 -34.07
N VAL E 34 -17.08 31.72 -34.37
CA VAL E 34 -16.14 32.83 -34.59
C VAL E 34 -15.29 32.50 -35.80
N GLN E 35 -15.02 33.51 -36.63
CA GLN E 35 -14.16 33.34 -37.78
C GLN E 35 -12.74 33.00 -37.32
N PRO E 36 -11.96 32.30 -38.16
CA PRO E 36 -10.61 31.90 -37.76
C PRO E 36 -9.77 33.11 -37.37
N GLY E 37 -8.94 32.92 -36.34
CA GLY E 37 -8.13 34.00 -35.81
C GLY E 37 -8.81 34.87 -34.80
N GLY E 38 -10.01 34.51 -34.34
CA GLY E 38 -10.74 35.30 -33.38
C GLY E 38 -10.28 35.06 -31.95
N SER E 39 -11.09 35.56 -31.01
CA SER E 39 -10.80 35.42 -29.60
C SER E 39 -12.07 35.03 -28.85
N LEU E 40 -11.87 34.38 -27.70
CA LEU E 40 -12.96 33.87 -26.87
C LEU E 40 -12.51 33.81 -25.42
N ARG E 41 -13.48 33.77 -24.52
CA ARG E 41 -13.22 33.59 -23.09
C ARG E 41 -14.17 32.52 -22.57
N LEU E 42 -13.61 31.42 -22.06
CA LEU E 42 -14.39 30.32 -21.50
C LEU E 42 -14.27 30.37 -19.99
N SER E 43 -15.39 30.65 -19.32
CA SER E 43 -15.42 30.74 -17.86
C SER E 43 -16.24 29.59 -17.31
N CYS E 44 -15.61 28.78 -16.45
CA CYS E 44 -16.27 27.65 -15.82
C CYS E 44 -16.46 27.95 -14.35
N ALA E 45 -17.70 27.90 -13.88
CA ALA E 45 -18.06 28.11 -12.49
C ALA E 45 -18.35 26.78 -11.83
N ALA E 46 -17.75 26.54 -10.67
CA ALA E 46 -17.88 25.29 -9.93
C ALA E 46 -18.45 25.56 -8.55
N SER E 47 -19.37 24.70 -8.12
CA SER E 47 -20.05 24.85 -6.85
C SER E 47 -20.12 23.50 -6.14
N GLY E 48 -20.24 23.55 -4.82
CA GLY E 48 -20.39 22.37 -4.00
C GLY E 48 -19.11 21.78 -3.45
N PHE E 49 -17.96 22.44 -3.67
CA PHE E 49 -16.70 21.95 -3.15
C PHE E 49 -15.72 23.11 -3.07
N THR E 50 -14.65 22.89 -2.32
CA THR E 50 -13.58 23.88 -2.21
C THR E 50 -12.78 23.86 -3.51
N PHE E 51 -12.99 24.88 -4.34
CA PHE E 51 -12.39 24.90 -5.67
C PHE E 51 -10.87 24.89 -5.63
N SER E 52 -10.27 25.41 -4.55
CA SER E 52 -8.84 25.63 -4.53
C SER E 52 -8.04 24.33 -4.46
N ASN E 53 -8.63 23.26 -3.91
CA ASN E 53 -7.86 22.05 -3.63
C ASN E 53 -7.79 21.09 -4.82
N TYR E 54 -8.41 21.40 -5.94
CA TYR E 54 -8.58 20.45 -7.02
C TYR E 54 -7.85 20.90 -8.27
N LYS E 55 -7.04 19.99 -8.82
CA LYS E 55 -6.48 20.17 -10.16
C LYS E 55 -7.61 20.19 -11.18
N MET E 56 -7.46 21.03 -12.19
CA MET E 56 -8.52 21.27 -13.16
C MET E 56 -8.00 21.09 -14.57
N ASN E 57 -8.92 20.79 -15.50
CA ASN E 57 -8.55 20.48 -16.87
C ASN E 57 -9.60 21.01 -17.83
N TRP E 58 -9.17 21.22 -19.06
CA TRP E 58 -10.04 21.47 -20.20
C TRP E 58 -9.92 20.30 -21.16
N VAL E 59 -11.06 19.68 -21.48
CA VAL E 59 -11.13 18.53 -22.38
C VAL E 59 -12.11 18.88 -23.49
N ARG E 60 -11.72 18.62 -24.73
CA ARG E 60 -12.57 18.94 -25.86
C ARG E 60 -12.95 17.68 -26.62
N GLN E 61 -14.15 17.69 -27.19
CA GLN E 61 -14.67 16.61 -28.01
C GLN E 61 -15.06 17.17 -29.36
N ALA E 62 -14.38 16.73 -30.40
CA ALA E 62 -14.65 17.13 -31.77
C ALA E 62 -15.69 16.19 -32.39
N PRO E 63 -16.45 16.67 -33.37
CA PRO E 63 -17.41 15.78 -34.04
C PRO E 63 -16.70 14.61 -34.69
N GLY E 64 -17.27 13.42 -34.50
CA GLY E 64 -16.67 12.21 -35.03
C GLY E 64 -15.43 11.73 -34.31
N LYS E 65 -15.24 12.13 -33.06
CA LYS E 65 -14.06 11.74 -32.30
C LYS E 65 -14.38 11.74 -30.82
N GLY E 66 -13.57 11.00 -30.06
CA GLY E 66 -13.72 10.94 -28.62
C GLY E 66 -13.15 12.16 -27.92
N LEU E 67 -13.32 12.20 -26.62
CA LEU E 67 -12.85 13.34 -25.83
C LEU E 67 -11.34 13.28 -25.68
N GLU E 68 -10.69 14.42 -25.94
CA GLU E 68 -9.24 14.54 -25.80
C GLU E 68 -8.94 15.65 -24.81
N TRP E 69 -7.97 15.41 -23.93
CA TRP E 69 -7.57 16.41 -22.96
C TRP E 69 -6.81 17.53 -23.64
N VAL E 70 -7.00 18.76 -23.18
CA VAL E 70 -6.41 19.92 -23.84
C VAL E 70 -5.52 20.70 -22.88
N SER E 71 -6.07 21.15 -21.77
CA SER E 71 -5.35 22.04 -20.87
C SER E 71 -5.42 21.54 -19.44
N ASP E 72 -4.46 21.98 -18.63
CA ASP E 72 -4.30 21.48 -17.27
C ASP E 72 -3.73 22.58 -16.38
N ILE E 73 -4.35 22.79 -15.23
CA ILE E 73 -3.85 23.73 -14.23
C ILE E 73 -3.92 23.06 -12.85
N SER E 74 -2.89 23.29 -12.04
CA SER E 74 -2.78 22.66 -10.73
C SER E 74 -3.66 23.39 -9.72
N GLN E 75 -3.47 23.08 -8.43
CA GLN E 75 -4.38 23.56 -7.40
C GLN E 75 -4.39 25.07 -7.31
N SER E 76 -3.22 25.70 -7.34
CA SER E 76 -3.12 27.15 -7.17
C SER E 76 -2.29 27.80 -8.28
N GLY E 77 -2.40 27.28 -9.49
CA GLY E 77 -1.63 27.82 -10.59
C GLY E 77 -0.15 27.54 -10.52
N ALA E 78 0.27 26.58 -9.70
CA ALA E 78 1.69 26.28 -9.58
C ALA E 78 2.25 25.70 -10.87
N SER E 79 1.49 24.84 -11.54
CA SER E 79 1.92 24.24 -12.78
C SER E 79 0.81 24.37 -13.82
N ILE E 80 1.21 24.48 -15.09
CA ILE E 80 0.29 24.65 -16.20
C ILE E 80 0.80 23.76 -17.34
N SER E 81 -0.13 23.13 -18.06
CA SER E 81 0.27 22.25 -19.16
C SER E 81 -0.79 22.26 -20.25
N TYR E 82 -0.36 21.90 -21.45
CA TYR E 82 -1.22 21.84 -22.62
C TYR E 82 -0.79 20.67 -23.50
N THR E 83 -1.72 20.19 -24.32
CA THR E 83 -1.35 19.26 -25.36
C THR E 83 -0.53 19.98 -26.42
N GLY E 84 0.20 19.19 -27.21
CA GLY E 84 1.18 19.77 -28.12
C GLY E 84 0.60 20.72 -29.14
N SER E 85 -0.58 20.41 -29.67
CA SER E 85 -1.21 21.24 -30.69
C SER E 85 -1.71 22.57 -30.14
N VAL E 86 -1.68 22.76 -28.83
CA VAL E 86 -2.25 23.94 -28.19
C VAL E 86 -1.20 24.76 -27.43
N LYS E 87 0.03 24.27 -27.33
CA LYS E 87 1.04 24.97 -26.54
C LYS E 87 1.29 26.37 -27.08
N GLY E 88 1.30 27.35 -26.17
CA GLY E 88 1.59 28.72 -26.50
C GLY E 88 0.40 29.55 -26.92
N ARG E 89 -0.55 28.97 -27.66
CA ARG E 89 -1.66 29.76 -28.18
C ARG E 89 -2.68 30.08 -27.08
N PHE E 90 -3.33 29.07 -26.54
CA PHE E 90 -4.42 29.26 -25.59
C PHE E 90 -3.83 29.31 -24.18
N THR E 91 -4.52 30.02 -23.28
CA THR E 91 -4.01 30.13 -21.92
C THR E 91 -5.09 29.82 -20.90
N ILE E 92 -4.66 29.39 -19.71
CA ILE E 92 -5.55 28.90 -18.66
C ILE E 92 -5.15 29.53 -17.33
N SER E 93 -6.14 29.95 -16.54
CA SER E 93 -5.89 30.59 -15.26
C SER E 93 -7.01 30.23 -14.29
N ARG E 94 -6.76 30.49 -13.01
CA ARG E 94 -7.70 30.17 -11.94
C ARG E 94 -8.19 31.44 -11.25
N ASP E 95 -9.39 31.35 -10.69
CA ASP E 95 -10.00 32.41 -9.90
C ASP E 95 -10.62 31.80 -8.65
N ASN E 96 -9.80 31.06 -7.89
CA ASN E 96 -10.28 30.38 -6.70
C ASN E 96 -10.98 31.32 -5.72
N ALA E 97 -10.57 32.59 -5.71
CA ALA E 97 -11.32 33.59 -4.93
C ALA E 97 -12.72 33.77 -5.48
N LYS E 98 -12.85 33.87 -6.80
CA LYS E 98 -14.15 33.93 -7.47
C LYS E 98 -14.70 32.54 -7.78
N ASN E 99 -13.94 31.49 -7.47
CA ASN E 99 -14.35 30.10 -7.73
C ASN E 99 -14.62 29.89 -9.23
N THR E 100 -13.89 30.59 -10.09
CA THR E 100 -14.14 30.50 -11.52
C THR E 100 -12.83 30.28 -12.26
N LEU E 101 -12.80 29.26 -13.11
CA LEU E 101 -11.62 28.97 -13.92
C LEU E 101 -11.81 29.57 -15.30
N TYR E 102 -10.71 30.05 -15.89
CA TYR E 102 -10.77 30.81 -17.13
C TYR E 102 -9.83 30.23 -18.17
N LEU E 103 -10.30 30.17 -19.41
CA LEU E 103 -9.49 29.81 -20.56
C LEU E 103 -9.63 30.91 -21.61
N GLN E 104 -8.52 31.57 -21.92
CA GLN E 104 -8.50 32.61 -22.93
C GLN E 104 -8.08 31.97 -24.26
N MET E 105 -8.87 32.26 -25.29
CA MET E 105 -8.82 31.60 -26.60
C MET E 105 -8.42 32.64 -27.63
N ASN E 106 -7.36 32.37 -28.39
CA ASN E 106 -6.94 33.26 -29.46
C ASN E 106 -6.18 32.47 -30.52
N SER E 107 -6.12 33.04 -31.73
CA SER E 107 -5.48 32.42 -32.88
C SER E 107 -6.07 31.05 -33.16
N LEU E 108 -7.36 31.05 -33.52
CA LEU E 108 -8.10 29.81 -33.68
C LEU E 108 -7.66 29.07 -34.95
N LYS E 109 -8.10 27.83 -35.05
CA LYS E 109 -7.80 26.93 -36.15
C LYS E 109 -9.06 26.17 -36.51
N PRO E 110 -9.20 25.74 -37.77
CA PRO E 110 -10.40 24.97 -38.15
C PRO E 110 -10.58 23.66 -37.38
N GLU E 111 -9.54 23.14 -36.74
CA GLU E 111 -9.68 21.91 -35.97
C GLU E 111 -10.21 22.14 -34.56
N ASP E 112 -10.42 23.40 -34.16
CA ASP E 112 -10.88 23.72 -32.81
C ASP E 112 -12.40 23.75 -32.69
N THR E 113 -13.13 23.41 -33.75
CA THR E 113 -14.58 23.35 -33.68
C THR E 113 -14.96 22.11 -32.89
N ALA E 114 -15.36 22.30 -31.63
CA ALA E 114 -15.60 21.18 -30.74
C ALA E 114 -16.38 21.67 -29.53
N VAL E 115 -16.74 20.72 -28.67
CA VAL E 115 -17.38 21.01 -27.39
C VAL E 115 -16.32 20.99 -26.31
N TYR E 116 -16.32 22.01 -25.45
CA TYR E 116 -15.31 22.18 -24.42
C TYR E 116 -15.92 21.95 -23.04
N TYR E 117 -15.25 21.11 -22.26
CA TYR E 117 -15.69 20.68 -20.94
C TYR E 117 -14.62 21.05 -19.92
N CYS E 118 -15.04 21.67 -18.82
CA CYS E 118 -14.15 21.91 -17.69
C CYS E 118 -14.30 20.74 -16.74
N ALA E 119 -13.23 19.96 -16.59
CA ALA E 119 -13.24 18.73 -15.82
C ALA E 119 -12.45 18.91 -14.54
N ARG E 120 -13.07 18.58 -13.41
CA ARG E 120 -12.31 18.43 -12.18
C ARG E 120 -11.67 17.05 -12.20
N CYS E 121 -10.96 16.70 -11.16
CA CYS E 121 -10.53 15.33 -11.10
C CYS E 121 -10.84 14.74 -9.73
N PRO E 122 -10.87 13.40 -9.59
CA PRO E 122 -11.59 12.80 -8.46
C PRO E 122 -11.22 13.34 -7.09
N ALA E 123 -9.96 13.27 -6.69
CA ALA E 123 -9.63 13.49 -5.29
C ALA E 123 -8.81 14.77 -5.12
N PRO E 124 -9.04 15.50 -4.03
CA PRO E 124 -8.24 16.69 -3.75
C PRO E 124 -6.84 16.31 -3.28
N PHE E 125 -5.98 17.33 -3.22
CA PHE E 125 -4.61 17.18 -2.71
C PHE E 125 -3.83 16.14 -3.49
N THR E 126 -4.18 15.96 -4.76
CA THR E 126 -3.68 14.87 -5.56
C THR E 126 -3.02 15.43 -6.82
N ARG E 127 -1.87 14.88 -7.18
CA ARG E 127 -1.10 15.37 -8.32
C ARG E 127 -1.35 14.58 -9.59
N ASP E 128 -2.23 13.58 -9.57
CA ASP E 128 -2.71 12.95 -10.79
C ASP E 128 -4.23 13.00 -10.80
N CYS E 129 -4.79 12.96 -12.00
CA CYS E 129 -6.24 12.99 -12.18
C CYS E 129 -6.65 11.91 -13.17
N PHE E 130 -7.57 11.06 -12.73
CA PHE E 130 -8.06 9.93 -13.51
C PHE E 130 -9.42 10.22 -14.14
N ASP E 131 -9.63 9.67 -15.32
CA ASP E 131 -10.94 9.52 -15.94
C ASP E 131 -11.59 10.84 -16.35
N VAL E 132 -10.78 11.87 -16.64
CA VAL E 132 -11.35 13.08 -17.24
C VAL E 132 -11.69 12.84 -18.70
N THR E 133 -10.91 12.02 -19.39
CA THR E 133 -11.14 11.70 -20.80
C THR E 133 -12.15 10.59 -20.99
N SER E 134 -12.64 9.99 -19.91
CA SER E 134 -13.52 8.83 -20.00
C SER E 134 -14.84 9.21 -20.65
N THR E 135 -15.57 8.18 -21.11
CA THR E 135 -16.84 8.42 -21.79
C THR E 135 -17.84 9.10 -20.86
N THR E 136 -17.92 8.64 -19.62
CA THR E 136 -18.71 9.30 -18.59
C THR E 136 -17.82 9.61 -17.41
N TYR E 137 -17.90 10.85 -16.93
CA TYR E 137 -17.20 11.25 -15.72
C TYR E 137 -18.23 11.69 -14.69
N ALA E 138 -17.97 11.35 -13.42
CA ALA E 138 -18.98 11.49 -12.38
C ALA E 138 -19.50 12.91 -12.26
N TYR E 139 -18.66 13.90 -12.55
CA TYR E 139 -19.08 15.30 -12.47
C TYR E 139 -18.26 16.12 -13.45
N ARG E 140 -18.85 16.41 -14.60
CA ARG E 140 -18.19 17.19 -15.64
C ARG E 140 -19.21 18.18 -16.18
N GLY E 141 -18.70 19.26 -16.78
CA GLY E 141 -19.57 20.29 -17.30
C GLY E 141 -20.41 19.80 -18.46
N GLN E 142 -21.52 20.50 -18.69
CA GLN E 142 -22.36 20.21 -19.84
C GLN E 142 -21.61 20.47 -21.14
N GLY E 143 -20.83 21.55 -21.19
CA GLY E 143 -19.98 21.83 -22.32
C GLY E 143 -20.43 23.06 -23.10
N THR E 144 -19.46 23.72 -23.73
CA THR E 144 -19.71 24.87 -24.59
C THR E 144 -19.22 24.57 -25.99
N GLN E 145 -20.07 24.79 -26.98
CA GLN E 145 -19.71 24.55 -28.37
C GLN E 145 -18.98 25.77 -28.93
N VAL E 146 -17.82 25.52 -29.54
CA VAL E 146 -17.06 26.56 -30.21
C VAL E 146 -16.84 26.14 -31.65
N THR E 147 -17.17 27.03 -32.59
CA THR E 147 -17.12 26.73 -34.01
C THR E 147 -16.24 27.75 -34.71
N VAL E 148 -15.45 27.28 -35.67
CA VAL E 148 -14.56 28.11 -36.46
C VAL E 148 -15.03 28.07 -37.91
N SER E 149 -15.24 29.24 -38.50
CA SER E 149 -15.74 29.35 -39.86
C SER E 149 -14.75 28.76 -40.86
N GLY F 52 40.25 1.44 39.24
CA GLY F 52 41.53 1.62 38.60
C GLY F 52 41.78 3.04 38.15
N ILE F 53 42.98 3.30 37.62
CA ILE F 53 43.32 4.64 37.14
C ILE F 53 42.42 5.02 35.98
N ALA F 54 42.20 4.10 35.05
CA ALA F 54 41.30 4.32 33.92
C ALA F 54 40.43 3.09 33.71
N VAL F 55 39.90 2.53 34.80
CA VAL F 55 39.09 1.31 34.70
C VAL F 55 37.79 1.58 33.96
N GLU F 56 37.26 2.81 34.05
CA GLU F 56 35.96 3.13 33.48
C GLU F 56 35.92 2.91 31.97
N VAL F 57 37.07 2.89 31.31
CA VAL F 57 37.09 2.68 29.86
C VAL F 57 36.65 1.27 29.50
N PHE F 58 36.76 0.31 30.42
CA PHE F 58 36.17 -1.02 30.23
C PHE F 58 34.76 -1.14 30.79
N LEU F 59 34.21 -0.08 31.38
CA LEU F 59 32.90 -0.17 32.01
C LEU F 59 31.83 0.61 31.27
N THR F 60 32.07 1.91 31.06
CA THR F 60 31.09 2.74 30.36
C THR F 60 30.69 2.11 29.03
N LEU F 61 31.69 1.74 28.22
CA LEU F 61 31.40 1.07 26.95
C LEU F 61 30.50 -0.13 27.17
N GLY F 62 30.85 -1.00 28.11
CA GLY F 62 29.98 -2.12 28.42
C GLY F 62 28.59 -1.67 28.81
N VAL F 63 28.51 -0.67 29.69
CA VAL F 63 27.22 -0.12 30.08
C VAL F 63 26.52 0.46 28.86
N ILE F 64 27.29 1.07 27.96
CA ILE F 64 26.70 1.62 26.74
C ILE F 64 26.08 0.50 25.91
N SER F 65 26.71 -0.68 25.91
CA SER F 65 26.12 -1.82 25.21
C SER F 65 24.76 -2.19 25.79
N LEU F 66 24.54 -1.94 27.09
CA LEU F 66 23.19 -2.06 27.64
C LEU F 66 22.19 -1.19 26.89
N LEU F 67 22.52 0.07 26.65
CA LEU F 67 21.53 1.02 26.18
C LEU F 67 21.08 0.75 24.75
N GLU F 68 21.82 -0.04 23.99
CA GLU F 68 21.45 -0.27 22.60
C GLU F 68 21.37 -1.73 22.20
N ASN F 69 22.29 -2.59 22.67
CA ASN F 69 22.26 -3.98 22.21
C ASN F 69 21.06 -4.73 22.78
N ILE F 70 20.53 -4.31 23.92
CA ILE F 70 19.24 -4.82 24.36
C ILE F 70 18.15 -4.39 23.39
N LEU F 71 18.14 -3.11 23.03
CA LEU F 71 17.09 -2.57 22.18
C LEU F 71 17.10 -3.24 20.81
N VAL F 72 18.29 -3.47 20.25
CA VAL F 72 18.39 -4.14 18.96
C VAL F 72 17.78 -5.53 19.04
N ILE F 73 17.88 -6.18 20.20
CA ILE F 73 17.15 -7.43 20.39
C ILE F 73 15.66 -7.15 20.57
N GLY F 74 15.32 -6.18 21.42
CA GLY F 74 13.93 -5.88 21.68
C GLY F 74 13.18 -5.43 20.44
N ALA F 75 13.88 -4.75 19.52
CA ALA F 75 13.25 -4.28 18.31
C ALA F 75 13.02 -5.39 17.29
N ILE F 76 13.60 -6.57 17.51
CA ILE F 76 13.36 -7.69 16.60
C ILE F 76 12.17 -8.52 17.04
N VAL F 77 11.89 -8.55 18.34
CA VAL F 77 10.79 -9.34 18.88
C VAL F 77 9.65 -8.44 19.34
N LYS F 78 9.53 -7.24 18.79
CA LYS F 78 8.41 -6.35 19.06
C LYS F 78 7.69 -5.88 17.81
N ASN F 79 8.39 -5.75 16.69
CA ASN F 79 7.77 -5.44 15.41
C ASN F 79 7.60 -6.72 14.62
N LYS F 80 6.43 -6.90 14.01
CA LYS F 80 6.10 -8.16 13.36
C LYS F 80 6.85 -8.35 12.05
N ASN F 81 6.95 -7.28 11.25
CA ASN F 81 7.53 -7.43 9.92
C ASN F 81 9.04 -7.48 9.95
N LEU F 82 9.66 -7.19 11.08
CA LEU F 82 11.10 -7.37 11.24
C LEU F 82 11.43 -8.81 11.62
N HIS F 83 10.90 -9.75 10.85
CA HIS F 83 11.17 -11.18 11.06
C HIS F 83 11.76 -11.82 9.81
N SER F 84 12.40 -11.03 8.96
CA SER F 84 13.17 -11.54 7.87
C SER F 84 14.45 -12.19 8.41
N PRO F 85 15.09 -13.06 7.62
CA PRO F 85 16.38 -13.62 8.05
C PRO F 85 17.41 -12.57 8.44
N MET F 86 17.46 -11.44 7.72
CA MET F 86 18.50 -10.44 8.00
C MET F 86 18.36 -9.86 9.40
N TYR F 87 17.13 -9.57 9.82
CA TYR F 87 16.96 -8.98 11.14
C TYR F 87 17.12 -10.01 12.25
N PHE F 88 16.87 -11.29 11.96
CA PHE F 88 17.24 -12.34 12.90
C PHE F 88 18.74 -12.41 13.08
N PHE F 89 19.49 -12.30 11.99
CA PHE F 89 20.95 -12.25 12.08
C PHE F 89 21.41 -11.00 12.82
N VAL F 90 20.70 -9.89 12.65
CA VAL F 90 21.00 -8.68 13.40
C VAL F 90 20.79 -8.91 14.90
N CYS F 91 19.72 -9.61 15.25
CA CYS F 91 19.46 -9.93 16.65
C CYS F 91 20.54 -10.84 17.22
N SER F 92 20.98 -11.83 16.45
CA SER F 92 22.07 -12.69 16.89
C SER F 92 23.35 -11.87 17.10
N LEU F 93 23.61 -10.93 16.20
CA LEU F 93 24.75 -10.02 16.36
C LEU F 93 24.63 -9.24 17.67
N ALA F 94 23.45 -8.70 17.97
CA ALA F 94 23.29 -7.94 19.19
C ALA F 94 23.49 -8.80 20.43
N VAL F 95 23.02 -10.05 20.38
CA VAL F 95 23.22 -10.96 21.51
C VAL F 95 24.70 -11.22 21.73
N ALA F 96 25.44 -11.50 20.65
CA ALA F 96 26.86 -11.78 20.78
C ALA F 96 27.63 -10.54 21.22
N ASP F 97 27.19 -9.36 20.79
CA ASP F 97 27.86 -8.13 21.21
C ASP F 97 27.64 -7.86 22.69
N MET F 98 26.41 -8.07 23.17
CA MET F 98 26.15 -7.97 24.60
C MET F 98 27.00 -8.95 25.38
N LEU F 99 27.12 -10.18 24.88
CA LEU F 99 27.95 -11.15 25.58
C LEU F 99 29.42 -10.72 25.62
N VAL F 100 29.94 -10.19 24.51
CA VAL F 100 31.31 -9.67 24.50
C VAL F 100 31.48 -8.61 25.58
N SER F 101 30.57 -7.62 25.57
CA SER F 101 30.71 -6.49 26.48
C SER F 101 30.64 -6.95 27.93
N MET F 102 29.61 -7.72 28.27
CA MET F 102 29.44 -8.14 29.66
C MET F 102 30.57 -9.04 30.14
N SER F 103 30.97 -10.01 29.32
CA SER F 103 32.02 -10.91 29.75
C SER F 103 33.34 -10.16 29.95
N SER F 104 33.69 -9.27 29.02
CA SER F 104 34.93 -8.51 29.18
C SER F 104 34.87 -7.58 30.38
N ALA F 105 33.74 -6.91 30.58
CA ALA F 105 33.62 -6.01 31.72
C ALA F 105 33.68 -6.76 33.04
N TRP F 106 33.09 -7.95 33.11
CA TRP F 106 33.12 -8.72 34.34
C TRP F 106 34.52 -9.27 34.61
N GLU F 107 35.23 -9.68 33.56
CA GLU F 107 36.62 -10.07 33.77
C GLU F 107 37.45 -8.90 34.27
N THR F 108 37.23 -7.71 33.71
CA THR F 108 37.96 -6.54 34.17
C THR F 108 37.66 -6.21 35.63
N ILE F 109 36.39 -6.29 36.03
CA ILE F 109 36.05 -6.01 37.43
C ILE F 109 36.67 -7.06 38.35
N THR F 110 36.64 -8.33 37.94
CA THR F 110 37.27 -9.38 38.75
C THR F 110 38.77 -9.13 38.90
N ILE F 111 39.42 -8.73 37.81
CA ILE F 111 40.86 -8.47 37.85
C ILE F 111 41.16 -7.28 38.76
N TYR F 112 40.36 -6.22 38.66
CA TYR F 112 40.53 -5.06 39.52
C TYR F 112 40.36 -5.43 40.98
N LEU F 113 39.38 -6.29 41.29
CA LEU F 113 39.16 -6.69 42.67
C LEU F 113 40.32 -7.54 43.20
N LEU F 114 40.72 -8.56 42.44
CA LEU F 114 41.72 -9.51 42.94
C LEU F 114 43.08 -8.85 43.12
N ASN F 115 43.55 -8.12 42.10
CA ASN F 115 44.85 -7.47 42.19
C ASN F 115 44.87 -6.35 43.22
N ASN F 116 43.71 -5.82 43.59
CA ASN F 116 43.61 -4.85 44.67
C ASN F 116 43.35 -5.59 45.99
N LYS F 117 42.96 -4.86 47.02
CA LYS F 117 42.75 -5.41 48.35
C LYS F 117 41.28 -5.37 48.76
N HIS F 118 40.39 -5.69 47.83
CA HIS F 118 38.96 -5.71 48.09
C HIS F 118 38.38 -7.13 48.15
N LEU F 119 39.15 -8.15 47.78
CA LEU F 119 38.67 -9.51 47.81
C LEU F 119 39.85 -10.46 47.87
N VAL F 120 39.66 -11.58 48.57
CA VAL F 120 40.68 -12.62 48.70
C VAL F 120 40.03 -13.95 48.32
N ILE F 121 40.78 -14.79 47.61
CA ILE F 121 40.23 -16.00 47.03
C ILE F 121 41.38 -16.90 46.60
N ALA F 122 41.16 -18.22 46.72
CA ALA F 122 42.20 -19.19 46.41
C ALA F 122 42.55 -19.18 44.94
N ASP F 123 43.82 -19.40 44.63
CA ASP F 123 44.33 -19.28 43.26
C ASP F 123 43.79 -20.36 42.33
N ALA F 124 43.55 -21.57 42.84
CA ALA F 124 43.02 -22.63 41.99
C ALA F 124 41.64 -22.27 41.45
N PHE F 125 40.80 -21.64 42.29
CA PHE F 125 39.50 -21.20 41.83
C PHE F 125 39.61 -19.95 40.96
N VAL F 126 40.66 -19.15 41.16
CA VAL F 126 40.91 -18.00 40.29
C VAL F 126 41.21 -18.46 38.87
N ARG F 127 42.03 -19.51 38.72
CA ARG F 127 42.33 -20.01 37.39
C ARG F 127 41.05 -20.47 36.67
N HIS F 128 40.14 -21.12 37.40
CA HIS F 128 38.93 -21.62 36.77
C HIS F 128 37.95 -20.50 36.43
N ILE F 129 37.82 -19.50 37.32
CA ILE F 129 36.95 -18.37 37.00
C ILE F 129 37.53 -17.57 35.84
N ASP F 130 38.86 -17.49 35.76
CA ASP F 130 39.53 -16.89 34.61
C ASP F 130 39.18 -17.64 33.33
N ASN F 131 39.23 -18.98 33.37
CA ASN F 131 38.92 -19.74 32.17
C ASN F 131 37.46 -19.58 31.77
N VAL F 132 36.56 -19.47 32.75
CA VAL F 132 35.15 -19.29 32.44
C VAL F 132 34.91 -17.94 31.77
N PHE F 133 35.48 -16.88 32.35
CA PHE F 133 35.33 -15.55 31.75
C PHE F 133 35.91 -15.51 30.35
N ASP F 134 37.10 -16.08 30.17
CA ASP F 134 37.73 -16.07 28.86
C ASP F 134 36.91 -16.84 27.84
N SER F 135 36.37 -18.00 28.23
CA SER F 135 35.60 -18.81 27.31
C SER F 135 34.31 -18.10 26.90
N MET F 136 33.67 -17.43 27.85
CA MET F 136 32.50 -16.62 27.50
C MET F 136 32.87 -15.53 26.49
N ILE F 137 34.00 -14.85 26.73
CA ILE F 137 34.41 -13.78 25.81
C ILE F 137 34.66 -14.33 24.41
N CYS F 138 35.39 -15.44 24.32
CA CYS F 138 35.72 -16.00 23.01
C CYS F 138 34.47 -16.49 22.28
N ILE F 139 33.56 -17.15 23.00
CA ILE F 139 32.27 -17.54 22.41
C ILE F 139 31.59 -16.32 21.82
N SER F 140 31.52 -15.25 22.61
CA SER F 140 30.80 -14.05 22.20
C SER F 140 31.45 -13.41 20.98
N VAL F 141 32.78 -13.37 20.95
CA VAL F 141 33.49 -12.74 19.84
C VAL F 141 33.27 -13.50 18.55
N VAL F 142 33.42 -14.83 18.59
CA VAL F 142 33.22 -15.60 17.37
C VAL F 142 31.77 -15.52 16.91
N ALA F 143 30.82 -15.48 17.86
CA ALA F 143 29.43 -15.35 17.47
C ALA F 143 29.14 -13.99 16.84
N SER F 144 29.76 -12.93 17.36
CA SER F 144 29.59 -11.60 16.79
C SER F 144 30.08 -11.58 15.34
N MET F 145 31.27 -12.12 15.10
CA MET F 145 31.82 -12.13 13.75
C MET F 145 30.96 -12.97 12.82
N CYS F 146 30.50 -14.14 13.28
CA CYS F 146 29.68 -15.00 12.44
C CYS F 146 28.34 -14.37 12.11
N SER F 147 27.71 -13.72 13.07
CA SER F 147 26.44 -13.04 12.81
C SER F 147 26.63 -11.92 11.81
N LEU F 148 27.74 -11.19 11.93
CA LEU F 148 28.01 -10.09 11.01
C LEU F 148 28.18 -10.60 9.58
N LEU F 149 28.97 -11.66 9.42
CA LEU F 149 29.10 -12.27 8.10
C LEU F 149 27.76 -12.81 7.59
N ALA F 150 26.89 -13.26 8.50
CA ALA F 150 25.58 -13.74 8.08
C ALA F 150 24.71 -12.60 7.56
N ILE F 151 24.78 -11.43 8.19
CA ILE F 151 24.08 -10.25 7.65
C ILE F 151 24.60 -9.92 6.26
N ALA F 152 25.92 -9.95 6.08
CA ALA F 152 26.49 -9.64 4.78
C ALA F 152 26.03 -10.63 3.71
N VAL F 153 26.02 -11.92 4.04
CA VAL F 153 25.62 -12.93 3.07
C VAL F 153 24.13 -12.83 2.77
N ASP F 154 23.32 -12.48 3.77
CA ASP F 154 21.89 -12.31 3.51
C ASP F 154 21.65 -11.16 2.56
N ARG F 155 22.34 -10.03 2.75
CA ARG F 155 22.18 -8.91 1.82
C ARG F 155 22.64 -9.26 0.42
N TYR F 156 23.80 -9.92 0.30
CA TYR F 156 24.30 -10.30 -1.02
C TYR F 156 23.32 -11.23 -1.74
N VAL F 157 22.73 -12.18 -1.02
CA VAL F 157 21.79 -13.09 -1.65
C VAL F 157 20.48 -12.37 -1.99
N THR F 158 20.08 -11.43 -1.14
CA THR F 158 18.85 -10.68 -1.36
C THR F 158 18.94 -9.83 -2.61
N ILE F 159 20.16 -9.36 -2.94
CA ILE F 159 20.30 -8.52 -4.12
C ILE F 159 20.62 -9.33 -5.36
N PHE F 160 21.57 -10.25 -5.29
CA PHE F 160 22.00 -10.90 -6.52
C PHE F 160 21.04 -12.01 -6.94
N TYR F 161 20.44 -12.70 -5.98
CA TYR F 161 19.30 -13.58 -6.23
C TYR F 161 17.99 -12.89 -5.83
N ALA F 162 17.69 -11.79 -6.54
CA ALA F 162 16.63 -10.89 -6.08
C ALA F 162 15.25 -11.54 -6.19
N LEU F 163 15.01 -12.29 -7.26
CA LEU F 163 13.70 -12.86 -7.50
C LEU F 163 13.52 -14.24 -6.86
N ARG F 164 14.57 -15.05 -6.81
CA ARG F 164 14.50 -16.39 -6.24
C ARG F 164 14.80 -16.42 -4.74
N TYR F 165 14.77 -15.27 -4.07
CA TYR F 165 15.26 -15.20 -2.69
C TYR F 165 14.36 -15.97 -1.73
N HIS F 166 13.04 -15.87 -1.90
CA HIS F 166 12.12 -16.51 -0.98
C HIS F 166 12.09 -18.03 -1.14
N HIS F 167 12.48 -18.54 -2.29
CA HIS F 167 12.65 -19.97 -2.50
C HIS F 167 14.03 -20.45 -2.07
N ILE F 168 14.85 -19.57 -1.50
CA ILE F 168 16.19 -19.91 -1.04
C ILE F 168 16.28 -19.81 0.48
N MET F 169 15.68 -18.78 1.07
CA MET F 169 15.86 -18.52 2.49
C MET F 169 14.57 -18.06 3.12
N THR F 170 14.10 -18.79 4.12
CA THR F 170 12.93 -18.44 4.90
C THR F 170 13.35 -18.21 6.35
N ALA F 171 12.38 -17.78 7.17
CA ALA F 171 12.70 -17.48 8.57
C ALA F 171 13.05 -18.74 9.36
N ARG F 172 12.45 -19.87 9.00
CA ARG F 172 12.81 -21.13 9.65
C ARG F 172 14.25 -21.50 9.37
N ARG F 173 14.69 -21.34 8.12
CA ARG F 173 16.08 -21.63 7.79
C ARG F 173 17.01 -20.65 8.47
N SER F 174 16.57 -19.40 8.66
CA SER F 174 17.39 -18.45 9.39
C SER F 174 17.54 -18.84 10.85
N GLY F 175 16.46 -19.30 11.48
CA GLY F 175 16.56 -19.81 12.84
C GLY F 175 17.50 -21.00 12.93
N ALA F 176 17.44 -21.89 11.94
CA ALA F 176 18.37 -23.02 11.92
C ALA F 176 19.81 -22.56 11.80
N ILE F 177 20.06 -21.55 10.95
CA ILE F 177 21.42 -21.03 10.79
C ILE F 177 21.91 -20.38 12.08
N ILE F 178 21.04 -19.63 12.76
CA ILE F 178 21.44 -19.00 14.01
C ILE F 178 21.77 -20.07 15.05
N ALA F 179 20.95 -21.11 15.13
CA ALA F 179 21.21 -22.19 16.08
C ALA F 179 22.54 -22.87 15.78
N GLY F 180 22.80 -23.17 14.51
CA GLY F 180 24.07 -23.80 14.16
C GLY F 180 25.26 -22.90 14.43
N ILE F 181 25.12 -21.60 14.15
CA ILE F 181 26.20 -20.66 14.42
C ILE F 181 26.52 -20.62 15.91
N TRP F 182 25.49 -20.51 16.76
CA TRP F 182 25.75 -20.41 18.18
C TRP F 182 26.28 -21.72 18.76
N ALA F 183 25.85 -22.86 18.22
CA ALA F 183 26.42 -24.13 18.66
C ALA F 183 27.90 -24.23 18.31
N PHE F 184 28.24 -23.93 17.05
CA PHE F 184 29.64 -23.97 16.62
C PHE F 184 30.47 -22.96 17.39
N CYS F 185 29.90 -21.79 17.70
CA CYS F 185 30.64 -20.74 18.39
C CYS F 185 30.87 -21.11 19.85
N THR F 186 29.89 -21.72 20.50
CA THR F 186 30.11 -22.21 21.87
C THR F 186 31.17 -23.29 21.89
N GLY F 187 31.12 -24.22 20.93
CA GLY F 187 32.15 -25.25 20.86
C GLY F 187 33.54 -24.66 20.67
N CYS F 188 33.68 -23.68 19.76
CA CYS F 188 34.97 -23.05 19.54
C CYS F 188 35.42 -22.25 20.75
N GLY F 189 34.52 -21.51 21.38
CA GLY F 189 34.90 -20.72 22.55
C GLY F 189 35.22 -21.57 23.76
N ILE F 190 34.80 -22.83 23.75
CA ILE F 190 35.25 -23.76 24.78
C ILE F 190 36.63 -24.32 24.42
N VAL F 191 36.78 -24.81 23.19
CA VAL F 191 38.03 -25.47 22.82
C VAL F 191 39.20 -24.48 22.81
N PHE F 192 38.95 -23.23 22.43
CA PHE F 192 40.02 -22.25 22.26
C PHE F 192 40.67 -21.87 23.58
N ILE F 193 40.07 -22.21 24.71
CA ILE F 193 40.55 -21.74 26.00
C ILE F 193 40.77 -22.92 26.93
N LEU F 194 40.12 -24.04 26.65
CA LEU F 194 40.62 -25.29 27.21
C LEU F 194 42.02 -25.60 26.69
N TYR F 195 42.35 -25.14 25.49
CA TYR F 195 43.71 -25.25 24.95
C TYR F 195 44.15 -23.86 24.48
N SER F 196 44.65 -23.04 25.40
CA SER F 196 45.41 -21.86 25.04
C SER F 196 46.87 -22.24 24.82
N GLU F 197 47.71 -21.24 24.66
CA GLU F 197 49.17 -21.40 24.58
C GLU F 197 49.59 -22.38 23.49
N SER F 198 48.70 -22.71 22.56
CA SER F 198 48.99 -23.61 21.46
C SER F 198 48.90 -22.83 20.16
N THR F 199 49.98 -22.86 19.37
CA THR F 199 50.04 -22.05 18.16
C THR F 199 48.91 -22.39 17.20
N TYR F 200 48.36 -23.60 17.30
CA TYR F 200 47.24 -23.98 16.43
C TYR F 200 45.97 -23.22 16.78
N VAL F 201 45.72 -22.98 18.06
CA VAL F 201 44.49 -22.28 18.46
C VAL F 201 44.55 -20.82 18.07
N ILE F 202 45.69 -20.15 18.32
CA ILE F 202 45.83 -18.77 17.89
C ILE F 202 45.82 -18.69 16.36
N LEU F 203 46.42 -19.68 15.70
CA LEU F 203 46.41 -19.72 14.25
C LEU F 203 44.99 -19.80 13.71
N CYS F 204 44.15 -20.63 14.33
CA CYS F 204 42.75 -20.70 13.91
C CYS F 204 42.00 -19.41 14.22
N LEU F 205 42.24 -18.82 15.38
CA LEU F 205 41.55 -17.59 15.74
C LEU F 205 41.98 -16.41 14.89
N ILE F 206 43.14 -16.52 14.22
CA ILE F 206 43.56 -15.48 13.30
C ILE F 206 43.06 -15.78 11.89
N SER F 207 43.11 -17.05 11.48
CA SER F 207 42.62 -17.41 10.15
C SER F 207 41.14 -17.13 10.03
N MET F 208 40.38 -17.30 11.12
CA MET F 208 38.97 -16.95 11.10
C MET F 208 38.78 -15.48 10.76
N PHE F 209 39.49 -14.59 11.48
CA PHE F 209 39.32 -13.16 11.23
C PHE F 209 39.78 -12.78 9.84
N PHE F 210 40.89 -13.34 9.37
CA PHE F 210 41.37 -12.99 8.04
C PHE F 210 40.40 -13.44 6.96
N ALA F 211 40.01 -14.72 6.98
CA ALA F 211 39.11 -15.25 5.97
C ALA F 211 37.69 -14.73 6.13
N MET F 212 37.39 -14.01 7.21
CA MET F 212 36.06 -13.45 7.32
C MET F 212 36.04 -11.97 6.99
N LEU F 213 37.13 -11.26 7.29
CA LEU F 213 37.32 -9.90 6.78
C LEU F 213 37.37 -9.89 5.27
N PHE F 214 38.08 -10.85 4.68
CA PHE F 214 38.14 -10.94 3.22
C PHE F 214 36.76 -11.04 2.62
N LEU F 215 35.92 -11.92 3.17
CA LEU F 215 34.59 -12.13 2.63
C LEU F 215 33.68 -10.93 2.88
N LEU F 216 33.72 -10.36 4.09
CA LEU F 216 32.91 -9.18 4.36
C LEU F 216 33.28 -8.03 3.43
N VAL F 217 34.56 -7.90 3.08
CA VAL F 217 34.95 -6.85 2.15
C VAL F 217 34.45 -7.18 0.75
N SER F 218 34.66 -8.40 0.27
CA SER F 218 34.38 -8.71 -1.12
C SER F 218 32.88 -8.67 -1.42
N LEU F 219 32.04 -9.11 -0.47
CA LEU F 219 30.61 -9.05 -0.72
C LEU F 219 30.14 -7.61 -0.89
N TYR F 220 30.61 -6.71 -0.03
CA TYR F 220 30.19 -5.33 -0.14
C TYR F 220 30.81 -4.62 -1.34
N ILE F 221 32.00 -5.06 -1.78
CA ILE F 221 32.54 -4.49 -3.01
C ILE F 221 31.70 -4.87 -4.20
N HIS F 222 31.28 -6.13 -4.29
CA HIS F 222 30.41 -6.53 -5.40
C HIS F 222 29.06 -5.81 -5.33
N MET F 223 28.51 -5.68 -4.12
CA MET F 223 27.25 -4.97 -3.95
C MET F 223 27.37 -3.51 -4.38
N PHE F 224 28.48 -2.85 -4.02
CA PHE F 224 28.67 -1.45 -4.38
C PHE F 224 28.92 -1.27 -5.87
N LEU F 225 29.62 -2.20 -6.50
CA LEU F 225 29.85 -2.10 -7.93
C LEU F 225 28.55 -2.31 -8.71
N LEU F 226 27.69 -3.19 -8.24
CA LEU F 226 26.36 -3.30 -8.83
C LEU F 226 25.57 -2.00 -8.66
N ALA F 227 25.56 -1.45 -7.44
CA ALA F 227 24.86 -0.19 -7.24
C ALA F 227 25.43 0.92 -8.12
N ARG F 228 26.71 0.81 -8.49
CA ARG F 228 27.30 1.80 -9.39
C ARG F 228 26.83 1.59 -10.82
N THR F 229 26.74 0.32 -11.26
CA THR F 229 26.15 0.05 -12.56
C THR F 229 24.70 0.52 -12.61
N HIS F 230 24.05 0.65 -11.45
CA HIS F 230 22.69 1.17 -11.45
C HIS F 230 22.64 2.69 -11.46
N VAL F 231 23.54 3.34 -10.73
CA VAL F 231 23.51 4.81 -10.72
C VAL F 231 24.00 5.38 -12.05
N LYS F 232 24.84 4.64 -12.78
CA LYS F 232 25.24 5.10 -14.11
C LYS F 232 24.13 4.94 -15.12
N ARG F 233 23.09 4.17 -14.80
CA ARG F 233 21.93 4.02 -15.66
C ARG F 233 20.80 4.96 -15.26
N ILE F 234 20.66 5.24 -13.97
CA ILE F 234 19.71 6.27 -13.53
C ILE F 234 20.15 7.64 -14.01
N ALA F 235 21.46 7.88 -14.07
CA ALA F 235 21.96 9.21 -14.44
C ALA F 235 21.71 9.51 -15.92
N ALA F 236 21.70 8.48 -16.76
CA ALA F 236 21.44 8.66 -18.19
C ALA F 236 19.95 8.65 -18.49
N LEU F 237 19.19 9.48 -17.77
CA LEU F 237 17.76 9.58 -17.93
C LEU F 237 17.38 11.02 -18.27
N PRO F 238 16.64 11.26 -19.34
CA PRO F 238 16.25 12.62 -19.69
C PRO F 238 15.44 13.27 -18.57
N GLY F 239 15.72 14.56 -18.35
CA GLY F 239 15.04 15.32 -17.32
C GLY F 239 15.61 15.16 -15.93
N ALA F 240 16.61 14.32 -15.74
CA ALA F 240 17.16 14.07 -14.42
C ALA F 240 18.52 14.76 -14.25
N THR F 247 24.91 10.08 -7.70
CA THR F 247 26.32 9.92 -7.34
C THR F 247 26.51 8.74 -6.40
N SER F 248 27.64 8.06 -6.55
CA SER F 248 28.00 6.91 -5.74
C SER F 248 28.59 7.30 -4.38
N MET F 249 28.42 8.56 -3.96
CA MET F 249 28.97 8.99 -2.69
C MET F 249 28.29 8.30 -1.51
N GLN F 250 26.96 8.13 -1.57
CA GLN F 250 26.24 7.44 -0.50
C GLN F 250 26.70 5.99 -0.37
N GLY F 251 26.81 5.29 -1.50
CA GLY F 251 27.29 3.93 -1.47
C GLY F 251 28.72 3.83 -0.99
N ALA F 252 29.58 4.75 -1.43
CA ALA F 252 30.98 4.72 -1.04
C ALA F 252 31.13 4.96 0.45
N VAL F 253 30.40 5.93 1.00
CA VAL F 253 30.50 6.20 2.43
C VAL F 253 29.92 5.05 3.23
N THR F 254 28.86 4.39 2.73
CA THR F 254 28.31 3.24 3.45
C THR F 254 29.30 2.07 3.46
N VAL F 255 29.85 1.72 2.30
CA VAL F 255 30.85 0.65 2.25
C VAL F 255 32.04 1.00 3.12
N THR F 256 32.46 2.26 3.11
CA THR F 256 33.60 2.68 3.92
C THR F 256 33.31 2.49 5.41
N MET F 257 32.14 2.95 5.85
CA MET F 257 31.82 2.84 7.27
C MET F 257 31.70 1.38 7.70
N LEU F 258 31.02 0.55 6.91
CA LEU F 258 30.88 -0.86 7.29
C LEU F 258 32.22 -1.59 7.26
N LEU F 259 33.05 -1.36 6.25
CA LEU F 259 34.32 -2.07 6.18
C LEU F 259 35.39 -1.48 7.08
N GLY F 260 35.17 -0.28 7.64
CA GLY F 260 36.15 0.33 8.50
C GLY F 260 35.86 0.20 9.98
N VAL F 261 34.57 0.14 10.35
CA VAL F 261 34.24 -0.18 11.73
C VAL F 261 34.69 -1.58 12.09
N PHE F 262 34.54 -2.52 11.16
CA PHE F 262 35.02 -3.89 11.36
C PHE F 262 36.53 -3.99 11.41
N THR F 263 37.27 -2.95 11.01
CA THR F 263 38.73 -3.00 10.99
C THR F 263 39.36 -2.19 12.12
N VAL F 264 38.85 -1.00 12.42
CA VAL F 264 39.44 -0.15 13.45
C VAL F 264 39.09 -0.73 14.81
N CYS F 265 38.36 -1.85 14.84
CA CYS F 265 37.91 -2.39 16.12
C CYS F 265 38.57 -3.73 16.44
N TRP F 266 38.70 -4.62 15.46
CA TRP F 266 39.62 -5.75 15.67
C TRP F 266 40.47 -6.11 14.47
N ALA F 267 41.02 -5.15 13.75
CA ALA F 267 42.34 -5.37 13.16
C ALA F 267 43.46 -5.33 14.19
N PRO F 268 43.48 -4.41 15.17
CA PRO F 268 44.61 -4.37 16.10
C PRO F 268 44.73 -5.59 17.01
N PHE F 269 43.63 -6.10 17.56
CA PHE F 269 43.74 -7.25 18.45
C PHE F 269 44.26 -8.49 17.72
N PHE F 270 43.78 -8.72 16.50
CA PHE F 270 44.21 -9.91 15.79
C PHE F 270 45.59 -9.70 15.17
N LEU F 271 45.95 -8.46 14.87
CA LEU F 271 47.32 -8.17 14.49
C LEU F 271 48.27 -8.42 15.67
N HIS F 272 47.85 -8.05 16.87
CA HIS F 272 48.64 -8.35 18.06
C HIS F 272 48.78 -9.86 18.25
N LEU F 273 47.70 -10.61 18.05
CA LEU F 273 47.77 -12.05 18.18
C LEU F 273 48.74 -12.65 17.17
N THR F 274 48.70 -12.18 15.92
CA THR F 274 49.59 -12.74 14.91
C THR F 274 51.02 -12.22 15.03
N LEU F 275 51.23 -11.09 15.70
CA LEU F 275 52.58 -10.63 15.98
C LEU F 275 53.19 -11.41 17.14
N MET F 276 52.35 -11.83 18.08
CA MET F 276 52.84 -12.67 19.18
C MET F 276 53.38 -13.99 18.69
N LEU F 277 53.03 -14.39 17.46
CA LEU F 277 53.52 -15.64 16.87
C LEU F 277 54.44 -15.41 15.68
N SER F 278 54.74 -14.16 15.35
CA SER F 278 55.60 -13.87 14.22
C SER F 278 56.90 -13.19 14.62
N CYS F 279 56.83 -12.09 15.37
CA CYS F 279 58.02 -11.36 15.81
C CYS F 279 57.88 -10.99 17.28
N PRO F 280 57.93 -11.97 18.18
CA PRO F 280 57.90 -11.63 19.61
C PRO F 280 59.26 -11.15 20.10
N GLN F 281 60.33 -11.60 19.45
CA GLN F 281 61.68 -11.16 19.76
C GLN F 281 62.07 -9.93 18.92
N ASN F 282 61.21 -8.92 18.93
CA ASN F 282 61.43 -7.71 18.15
C ASN F 282 60.86 -6.52 18.90
N LEU F 283 61.61 -5.42 18.92
CA LEU F 283 61.15 -4.21 19.61
C LEU F 283 60.05 -3.51 18.82
N TYR F 284 60.14 -3.53 17.49
CA TYR F 284 59.10 -2.94 16.65
C TYR F 284 57.75 -3.56 16.98
N CYS F 285 57.69 -4.89 17.05
CA CYS F 285 56.45 -5.58 17.38
C CYS F 285 56.13 -5.49 18.87
N SER F 286 57.14 -5.37 19.72
CA SER F 286 56.89 -5.28 21.16
C SER F 286 56.19 -3.98 21.53
N ARG F 287 56.59 -2.86 20.91
CA ARG F 287 55.89 -1.62 21.16
C ARG F 287 54.44 -1.69 20.68
N PHE F 288 54.18 -2.48 19.63
CA PHE F 288 52.82 -2.72 19.21
C PHE F 288 52.05 -3.54 20.25
N MET F 289 52.62 -4.66 20.68
CA MET F 289 51.96 -5.55 21.62
C MET F 289 51.75 -4.91 22.98
N SER F 290 52.53 -3.88 23.31
CA SER F 290 52.37 -3.21 24.60
C SER F 290 51.02 -2.50 24.76
N HIS F 291 50.27 -2.32 23.66
CA HIS F 291 49.00 -1.61 23.70
C HIS F 291 47.82 -2.59 23.63
N PHE F 292 48.01 -3.80 24.13
CA PHE F 292 46.93 -4.79 24.18
C PHE F 292 45.75 -4.26 24.99
N ASN F 293 46.00 -3.37 25.94
CA ASN F 293 44.93 -2.73 26.70
C ASN F 293 43.94 -2.01 25.79
N MET F 294 44.46 -1.11 24.94
CA MET F 294 43.54 -0.39 24.08
C MET F 294 43.09 -1.24 22.89
N TYR F 295 43.80 -2.34 22.59
CA TYR F 295 43.25 -3.32 21.66
C TYR F 295 41.96 -3.94 22.22
N LEU F 296 41.97 -4.31 23.50
CA LEU F 296 40.74 -4.75 24.15
C LEU F 296 39.69 -3.66 24.15
N ILE F 297 40.12 -2.41 24.34
CA ILE F 297 39.17 -1.31 24.32
C ILE F 297 38.48 -1.20 22.96
N LEU F 298 39.23 -1.38 21.88
CA LEU F 298 38.63 -1.35 20.55
C LEU F 298 37.71 -2.55 20.33
N ILE F 299 38.09 -3.72 20.85
CA ILE F 299 37.22 -4.89 20.81
C ILE F 299 35.87 -4.55 21.44
N MET F 300 35.89 -3.84 22.56
CA MET F 300 34.62 -3.44 23.17
C MET F 300 33.91 -2.37 22.36
N CYS F 301 34.65 -1.42 21.79
CA CYS F 301 34.03 -0.34 21.04
C CYS F 301 33.26 -0.85 19.82
N ASN F 302 33.68 -1.99 19.27
CA ASN F 302 32.91 -2.55 18.16
C ASN F 302 31.49 -2.88 18.59
N SER F 303 31.31 -3.39 19.81
CA SER F 303 29.97 -3.75 20.26
C SER F 303 29.10 -2.53 20.47
N VAL F 304 29.70 -1.34 20.46
CA VAL F 304 28.93 -0.10 20.41
C VAL F 304 28.68 0.33 18.97
N MET F 305 29.67 0.12 18.10
CA MET F 305 29.55 0.61 16.73
C MET F 305 28.58 -0.21 15.89
N ASP F 306 28.62 -1.54 16.02
CA ASP F 306 27.83 -2.42 15.14
C ASP F 306 26.33 -2.12 15.15
N PRO F 307 25.68 -1.94 16.30
CA PRO F 307 24.26 -1.54 16.26
C PRO F 307 24.03 -0.24 15.50
N LEU F 308 24.94 0.73 15.62
CA LEU F 308 24.75 2.00 14.94
C LEU F 308 24.84 1.85 13.43
N ILE F 309 25.67 0.90 12.95
CA ILE F 309 25.88 0.77 11.51
C ILE F 309 25.04 -0.33 10.88
N TYR F 310 24.27 -1.08 11.66
CA TYR F 310 23.36 -2.06 11.07
C TYR F 310 21.91 -1.82 11.42
N ALA F 311 21.58 -1.61 12.68
CA ALA F 311 20.20 -1.56 13.14
C ALA F 311 19.72 -0.15 13.45
N PHE F 312 20.60 0.85 13.44
CA PHE F 312 20.19 2.23 13.70
C PHE F 312 20.08 3.05 12.43
N ARG F 313 20.02 2.39 11.26
CA ARG F 313 20.02 3.08 9.98
C ARG F 313 18.78 2.83 9.15
N SER F 314 18.23 1.62 9.19
CA SER F 314 16.99 1.35 8.48
C SER F 314 15.81 1.97 9.22
N GLN F 315 14.89 2.56 8.45
CA GLN F 315 13.84 3.39 9.04
C GLN F 315 12.85 2.57 9.86
N GLU F 316 12.66 1.29 9.53
CA GLU F 316 11.76 0.44 10.30
C GLU F 316 12.31 0.18 11.70
N MET F 317 13.61 -0.09 11.80
CA MET F 317 14.24 -0.24 13.11
C MET F 317 14.13 1.05 13.91
N ARG F 318 14.37 2.21 13.28
CA ARG F 318 14.23 3.47 13.97
C ARG F 318 12.80 3.69 14.45
N LYS F 319 11.81 3.29 13.63
CA LYS F 319 10.42 3.43 14.03
C LYS F 319 10.10 2.60 15.25
N THR F 320 10.50 1.32 15.25
CA THR F 320 10.22 0.52 16.43
C THR F 320 11.04 0.98 17.64
N PHE F 321 12.22 1.56 17.40
CA PHE F 321 13.01 2.11 18.50
C PHE F 321 12.30 3.30 19.14
N LYS F 322 11.73 4.19 18.32
CA LYS F 322 11.00 5.31 18.89
C LYS F 322 9.70 4.88 19.53
N GLU F 323 9.07 3.83 19.01
CA GLU F 323 7.92 3.25 19.70
C GLU F 323 8.33 2.74 21.08
N ILE F 324 9.49 2.11 21.18
CA ILE F 324 10.00 1.66 22.48
C ILE F 324 10.25 2.86 23.39
N ILE F 325 10.90 3.90 22.87
CA ILE F 325 11.26 5.05 23.71
C ILE F 325 10.02 5.82 24.15
N CYS F 326 8.90 5.70 23.43
CA CYS F 326 7.66 6.29 23.89
C CYS F 326 7.22 5.67 25.22
N CYS F 327 7.42 4.38 25.37
CA CYS F 327 7.07 3.69 26.61
C CYS F 327 8.22 3.74 27.60
CA CA G . 42.14 -13.82 31.02
#